data_6FC6
# 
_entry.id   6FC6 
# 
_audit_conform.dict_name       mmcif_pdbx.dic 
_audit_conform.dict_version    5.383 
_audit_conform.dict_location   http://mmcif.pdb.org/dictionaries/ascii/mmcif_pdbx.dic 
# 
loop_
_database_2.database_id 
_database_2.database_code 
_database_2.pdbx_database_accession 
_database_2.pdbx_DOI 
PDB   6FC6         pdb_00006fc6 10.2210/pdb6fc6/pdb 
WWPDB D_1200008031 ?            ?                   
# 
loop_
_pdbx_audit_revision_history.ordinal 
_pdbx_audit_revision_history.data_content_type 
_pdbx_audit_revision_history.major_revision 
_pdbx_audit_revision_history.minor_revision 
_pdbx_audit_revision_history.revision_date 
1 'Structure model' 1 0 2018-04-11 
2 'Structure model' 1 1 2024-01-17 
# 
_pdbx_audit_revision_details.ordinal             1 
_pdbx_audit_revision_details.revision_ordinal    1 
_pdbx_audit_revision_details.data_content_type   'Structure model' 
_pdbx_audit_revision_details.provider            repository 
_pdbx_audit_revision_details.type                'Initial release' 
_pdbx_audit_revision_details.description         ? 
_pdbx_audit_revision_details.details             ? 
# 
loop_
_pdbx_audit_revision_group.ordinal 
_pdbx_audit_revision_group.revision_ordinal 
_pdbx_audit_revision_group.data_content_type 
_pdbx_audit_revision_group.group 
1 2 'Structure model' 'Data collection'        
2 2 'Structure model' 'Database references'    
3 2 'Structure model' 'Refinement description' 
# 
loop_
_pdbx_audit_revision_category.ordinal 
_pdbx_audit_revision_category.revision_ordinal 
_pdbx_audit_revision_category.data_content_type 
_pdbx_audit_revision_category.category 
1 2 'Structure model' chem_comp_atom                
2 2 'Structure model' chem_comp_bond                
3 2 'Structure model' database_2                    
4 2 'Structure model' pdbx_initial_refinement_model 
# 
loop_
_pdbx_audit_revision_item.ordinal 
_pdbx_audit_revision_item.revision_ordinal 
_pdbx_audit_revision_item.data_content_type 
_pdbx_audit_revision_item.item 
1 2 'Structure model' '_database_2.pdbx_DOI'                
2 2 'Structure model' '_database_2.pdbx_database_accession' 
# 
_pdbx_database_status.status_code                     REL 
_pdbx_database_status.status_code_sf                  REL 
_pdbx_database_status.status_code_mr                  ? 
_pdbx_database_status.entry_id                        6FC6 
_pdbx_database_status.recvd_initial_deposition_date   2017-12-20 
_pdbx_database_status.SG_entry                        N 
_pdbx_database_status.deposit_site                    PDBE 
_pdbx_database_status.process_site                    PDBE 
_pdbx_database_status.status_code_cs                  ? 
_pdbx_database_status.methods_development_category    ? 
_pdbx_database_status.pdb_format_compatible           Y 
_pdbx_database_status.status_code_nmr_data            ? 
# 
loop_
_audit_author.name 
_audit_author.pdbx_ordinal 
_audit_author.identifier_ORCID 
'Kumar, A.'       1 ? 
'Stangier, M.M.'  2 ? 
'Steinmetz, M.O.' 3 ? 
# 
_citation.abstract                  ? 
_citation.abstract_id_CAS           ? 
_citation.book_id_ISBN              ? 
_citation.book_publisher            ? 
_citation.book_publisher_city       ? 
_citation.book_title                ? 
_citation.coordinate_linkage        ? 
_citation.country                   UK 
_citation.database_id_Medline       ? 
_citation.details                   ? 
_citation.id                        primary 
_citation.journal_abbrev            Structure 
_citation.journal_id_ASTM           STRUE6 
_citation.journal_id_CSD            2005 
_citation.journal_id_ISSN           1878-4186 
_citation.journal_full              ? 
_citation.journal_issue             ? 
_citation.journal_volume            26 
_citation.language                  ? 
_citation.page_first                607 
_citation.page_last                 618.e4 
_citation.title                     'Structure-Function Relationship of the Bik1-Bim1 Complex.' 
_citation.year                      2018 
_citation.database_id_CSD           ? 
_citation.pdbx_database_id_DOI      10.1016/j.str.2018.03.003 
_citation.pdbx_database_id_PubMed   29576319 
_citation.unpublished_flag          ? 
# 
loop_
_citation_author.citation_id 
_citation_author.name 
_citation_author.ordinal 
_citation_author.identifier_ORCID 
primary 'Stangier, M.M.'  1 ? 
primary 'Kumar, A.'       2 ? 
primary 'Chen, X.'        3 ? 
primary 'Farcas, A.M.'    4 ? 
primary 'Barral, Y.'      5 ? 
primary 'Steinmetz, M.O.' 6 ? 
# 
loop_
_entity.id 
_entity.type 
_entity.src_method 
_entity.pdbx_description 
_entity.formula_weight 
_entity.pdbx_number_of_molecules 
_entity.pdbx_ec 
_entity.pdbx_mutation 
_entity.pdbx_fragment 
_entity.details 
1 polymer man 'Nuclear fusion protein BIK1' 11357.175 1  ? ? ? ? 
2 polymer syn 'Protein BIM1'                1294.365  1  ? ? ? ? 
3 water   nat water                         18.015    55 ? ? ? ? 
# 
loop_
_entity_poly.entity_id 
_entity_poly.type 
_entity_poly.nstd_linkage 
_entity_poly.nstd_monomer 
_entity_poly.pdbx_seq_one_letter_code 
_entity_poly.pdbx_seq_one_letter_code_can 
_entity_poly.pdbx_strand_id 
_entity_poly.pdbx_target_identifier 
1 'polypeptide(L)' no no 
;GPMDRYQRKIGCFIQIPNLGRGQLKYVGPVDTKAGMFAGVDLLANIGKNDGSFMGKKYFQTEYPQSGLFIQLQKVASLIE
KASISQTSRRTTMEPLSIPKNR
;
;GPMDRYQRKIGCFIQIPNLGRGQLKYVGPVDTKAGMFAGVDLLANIGKNDGSFMGKKYFQTEYPQSGLFIQLQKVASLIE
KASISQTSRRTTMEPLSIPKNR
;
A ? 
2 'polypeptide(L)' no no SNNLIIDEETF                                                                                               
SNNLIIDEETF                                                                                               B ? 
# 
_pdbx_entity_nonpoly.entity_id   3 
_pdbx_entity_nonpoly.name        water 
_pdbx_entity_nonpoly.comp_id     HOH 
# 
loop_
_entity_poly_seq.entity_id 
_entity_poly_seq.num 
_entity_poly_seq.mon_id 
_entity_poly_seq.hetero 
1 1   GLY n 
1 2   PRO n 
1 3   MET n 
1 4   ASP n 
1 5   ARG n 
1 6   TYR n 
1 7   GLN n 
1 8   ARG n 
1 9   LYS n 
1 10  ILE n 
1 11  GLY n 
1 12  CYS n 
1 13  PHE n 
1 14  ILE n 
1 15  GLN n 
1 16  ILE n 
1 17  PRO n 
1 18  ASN n 
1 19  LEU n 
1 20  GLY n 
1 21  ARG n 
1 22  GLY n 
1 23  GLN n 
1 24  LEU n 
1 25  LYS n 
1 26  TYR n 
1 27  VAL n 
1 28  GLY n 
1 29  PRO n 
1 30  VAL n 
1 31  ASP n 
1 32  THR n 
1 33  LYS n 
1 34  ALA n 
1 35  GLY n 
1 36  MET n 
1 37  PHE n 
1 38  ALA n 
1 39  GLY n 
1 40  VAL n 
1 41  ASP n 
1 42  LEU n 
1 43  LEU n 
1 44  ALA n 
1 45  ASN n 
1 46  ILE n 
1 47  GLY n 
1 48  LYS n 
1 49  ASN n 
1 50  ASP n 
1 51  GLY n 
1 52  SER n 
1 53  PHE n 
1 54  MET n 
1 55  GLY n 
1 56  LYS n 
1 57  LYS n 
1 58  TYR n 
1 59  PHE n 
1 60  GLN n 
1 61  THR n 
1 62  GLU n 
1 63  TYR n 
1 64  PRO n 
1 65  GLN n 
1 66  SER n 
1 67  GLY n 
1 68  LEU n 
1 69  PHE n 
1 70  ILE n 
1 71  GLN n 
1 72  LEU n 
1 73  GLN n 
1 74  LYS n 
1 75  VAL n 
1 76  ALA n 
1 77  SER n 
1 78  LEU n 
1 79  ILE n 
1 80  GLU n 
1 81  LYS n 
1 82  ALA n 
1 83  SER n 
1 84  ILE n 
1 85  SER n 
1 86  GLN n 
1 87  THR n 
1 88  SER n 
1 89  ARG n 
1 90  ARG n 
1 91  THR n 
1 92  THR n 
1 93  MET n 
1 94  GLU n 
1 95  PRO n 
1 96  LEU n 
1 97  SER n 
1 98  ILE n 
1 99  PRO n 
1 100 LYS n 
1 101 ASN n 
1 102 ARG n 
2 1   SER n 
2 2   ASN n 
2 3   ASN n 
2 4   LEU n 
2 5   ILE n 
2 6   ILE n 
2 7   ASP n 
2 8   GLU n 
2 9   GLU n 
2 10  THR n 
2 11  PHE n 
# 
_entity_src_gen.entity_id                          1 
_entity_src_gen.pdbx_src_id                        1 
_entity_src_gen.pdbx_alt_source_flag               sample 
_entity_src_gen.pdbx_seq_type                      'Biological sequence' 
_entity_src_gen.pdbx_beg_seq_num                   1 
_entity_src_gen.pdbx_end_seq_num                   102 
_entity_src_gen.gene_src_common_name               
;Baker's yeast
;
_entity_src_gen.gene_src_genus                     ? 
_entity_src_gen.pdbx_gene_src_gene                 'BIK1, YCL029C, YCL29C' 
_entity_src_gen.gene_src_species                   ? 
_entity_src_gen.gene_src_strain                    'ATCC 204508 / S288c' 
_entity_src_gen.gene_src_tissue                    ? 
_entity_src_gen.gene_src_tissue_fraction           ? 
_entity_src_gen.gene_src_details                   ? 
_entity_src_gen.pdbx_gene_src_fragment             ? 
_entity_src_gen.pdbx_gene_src_scientific_name      'Saccharomyces cerevisiae (strain ATCC 204508 / S288c)' 
_entity_src_gen.pdbx_gene_src_ncbi_taxonomy_id     559292 
_entity_src_gen.pdbx_gene_src_variant              ? 
_entity_src_gen.pdbx_gene_src_cell_line            ? 
_entity_src_gen.pdbx_gene_src_atcc                 ? 
_entity_src_gen.pdbx_gene_src_organ                ? 
_entity_src_gen.pdbx_gene_src_organelle            ? 
_entity_src_gen.pdbx_gene_src_cell                 ? 
_entity_src_gen.pdbx_gene_src_cellular_location    ? 
_entity_src_gen.host_org_common_name               ? 
_entity_src_gen.pdbx_host_org_scientific_name      'Escherichia coli BL21' 
_entity_src_gen.pdbx_host_org_ncbi_taxonomy_id     511693 
_entity_src_gen.host_org_genus                     ? 
_entity_src_gen.pdbx_host_org_gene                 ? 
_entity_src_gen.pdbx_host_org_organ                ? 
_entity_src_gen.host_org_species                   ? 
_entity_src_gen.pdbx_host_org_tissue               ? 
_entity_src_gen.pdbx_host_org_tissue_fraction      ? 
_entity_src_gen.pdbx_host_org_strain               ? 
_entity_src_gen.pdbx_host_org_variant              ? 
_entity_src_gen.pdbx_host_org_cell_line            ? 
_entity_src_gen.pdbx_host_org_atcc                 ? 
_entity_src_gen.pdbx_host_org_culture_collection   ? 
_entity_src_gen.pdbx_host_org_cell                 ? 
_entity_src_gen.pdbx_host_org_organelle            ? 
_entity_src_gen.pdbx_host_org_cellular_location    ? 
_entity_src_gen.pdbx_host_org_vector_type          ? 
_entity_src_gen.pdbx_host_org_vector               ? 
_entity_src_gen.host_org_details                   ? 
_entity_src_gen.expression_system_id               ? 
_entity_src_gen.plasmid_name                       ? 
_entity_src_gen.plasmid_details                    ? 
_entity_src_gen.pdbx_description                   ? 
# 
_pdbx_entity_src_syn.entity_id              2 
_pdbx_entity_src_syn.pdbx_src_id            1 
_pdbx_entity_src_syn.pdbx_alt_source_flag   sample 
_pdbx_entity_src_syn.pdbx_beg_seq_num       1 
_pdbx_entity_src_syn.pdbx_end_seq_num       11 
_pdbx_entity_src_syn.organism_scientific    'Saccharomyces cerevisiae' 
_pdbx_entity_src_syn.organism_common_name   
;Baker's yeast
;
_pdbx_entity_src_syn.ncbi_taxonomy_id       559292 
_pdbx_entity_src_syn.details                ? 
# 
loop_
_chem_comp.id 
_chem_comp.type 
_chem_comp.mon_nstd_flag 
_chem_comp.name 
_chem_comp.pdbx_synonyms 
_chem_comp.formula 
_chem_comp.formula_weight 
ALA 'L-peptide linking' y ALANINE         ? 'C3 H7 N O2'     89.093  
ARG 'L-peptide linking' y ARGININE        ? 'C6 H15 N4 O2 1' 175.209 
ASN 'L-peptide linking' y ASPARAGINE      ? 'C4 H8 N2 O3'    132.118 
ASP 'L-peptide linking' y 'ASPARTIC ACID' ? 'C4 H7 N O4'     133.103 
CYS 'L-peptide linking' y CYSTEINE        ? 'C3 H7 N O2 S'   121.158 
GLN 'L-peptide linking' y GLUTAMINE       ? 'C5 H10 N2 O3'   146.144 
GLU 'L-peptide linking' y 'GLUTAMIC ACID' ? 'C5 H9 N O4'     147.129 
GLY 'peptide linking'   y GLYCINE         ? 'C2 H5 N O2'     75.067  
HOH non-polymer         . WATER           ? 'H2 O'           18.015  
ILE 'L-peptide linking' y ISOLEUCINE      ? 'C6 H13 N O2'    131.173 
LEU 'L-peptide linking' y LEUCINE         ? 'C6 H13 N O2'    131.173 
LYS 'L-peptide linking' y LYSINE          ? 'C6 H15 N2 O2 1' 147.195 
MET 'L-peptide linking' y METHIONINE      ? 'C5 H11 N O2 S'  149.211 
PHE 'L-peptide linking' y PHENYLALANINE   ? 'C9 H11 N O2'    165.189 
PRO 'L-peptide linking' y PROLINE         ? 'C5 H9 N O2'     115.130 
SER 'L-peptide linking' y SERINE          ? 'C3 H7 N O3'     105.093 
THR 'L-peptide linking' y THREONINE       ? 'C4 H9 N O3'     119.119 
TYR 'L-peptide linking' y TYROSINE        ? 'C9 H11 N O3'    181.189 
VAL 'L-peptide linking' y VALINE          ? 'C5 H11 N O2'    117.146 
# 
loop_
_pdbx_poly_seq_scheme.asym_id 
_pdbx_poly_seq_scheme.entity_id 
_pdbx_poly_seq_scheme.seq_id 
_pdbx_poly_seq_scheme.mon_id 
_pdbx_poly_seq_scheme.ndb_seq_num 
_pdbx_poly_seq_scheme.pdb_seq_num 
_pdbx_poly_seq_scheme.auth_seq_num 
_pdbx_poly_seq_scheme.pdb_mon_id 
_pdbx_poly_seq_scheme.auth_mon_id 
_pdbx_poly_seq_scheme.pdb_strand_id 
_pdbx_poly_seq_scheme.pdb_ins_code 
_pdbx_poly_seq_scheme.hetero 
A 1 1   GLY 1   -1  -1 GLY GLY A . n 
A 1 2   PRO 2   0   0  PRO PRO A . n 
A 1 3   MET 3   1   1  MET MET A . n 
A 1 4   ASP 4   2   2  ASP ASP A . n 
A 1 5   ARG 5   3   3  ARG ARG A . n 
A 1 6   TYR 6   4   4  TYR TYR A . n 
A 1 7   GLN 7   5   5  GLN GLN A . n 
A 1 8   ARG 8   6   6  ARG ARG A . n 
A 1 9   LYS 9   7   7  LYS LYS A . n 
A 1 10  ILE 10  8   8  ILE ILE A . n 
A 1 11  GLY 11  9   9  GLY GLY A . n 
A 1 12  CYS 12  10  10 CYS CYS A . n 
A 1 13  PHE 13  11  11 PHE PHE A . n 
A 1 14  ILE 14  12  12 ILE ILE A . n 
A 1 15  GLN 15  13  13 GLN GLN A . n 
A 1 16  ILE 16  14  14 ILE ILE A . n 
A 1 17  PRO 17  15  15 PRO PRO A . n 
A 1 18  ASN 18  16  16 ASN ASN A . n 
A 1 19  LEU 19  17  17 LEU LEU A . n 
A 1 20  GLY 20  18  18 GLY GLY A . n 
A 1 21  ARG 21  19  19 ARG ARG A . n 
A 1 22  GLY 22  20  20 GLY GLY A . n 
A 1 23  GLN 23  21  21 GLN GLN A . n 
A 1 24  LEU 24  22  22 LEU LEU A . n 
A 1 25  LYS 25  23  23 LYS LYS A . n 
A 1 26  TYR 26  24  24 TYR TYR A . n 
A 1 27  VAL 27  25  25 VAL VAL A . n 
A 1 28  GLY 28  26  26 GLY GLY A . n 
A 1 29  PRO 29  27  27 PRO PRO A . n 
A 1 30  VAL 30  28  28 VAL VAL A . n 
A 1 31  ASP 31  29  29 ASP ASP A . n 
A 1 32  THR 32  30  30 THR THR A . n 
A 1 33  LYS 33  31  31 LYS LYS A . n 
A 1 34  ALA 34  32  32 ALA ALA A . n 
A 1 35  GLY 35  33  33 GLY GLY A . n 
A 1 36  MET 36  34  34 MET MET A . n 
A 1 37  PHE 37  35  35 PHE PHE A . n 
A 1 38  ALA 38  36  36 ALA ALA A . n 
A 1 39  GLY 39  37  37 GLY GLY A . n 
A 1 40  VAL 40  38  38 VAL VAL A . n 
A 1 41  ASP 41  39  39 ASP ASP A . n 
A 1 42  LEU 42  40  40 LEU LEU A . n 
A 1 43  LEU 43  41  41 LEU LEU A . n 
A 1 44  ALA 44  42  42 ALA ALA A . n 
A 1 45  ASN 45  43  43 ASN ASN A . n 
A 1 46  ILE 46  44  44 ILE ILE A . n 
A 1 47  GLY 47  45  45 GLY GLY A . n 
A 1 48  LYS 48  46  46 LYS LYS A . n 
A 1 49  ASN 49  47  47 ASN ASN A . n 
A 1 50  ASP 50  48  48 ASP ASP A . n 
A 1 51  GLY 51  49  49 GLY GLY A . n 
A 1 52  SER 52  50  50 SER SER A . n 
A 1 53  PHE 53  51  51 PHE PHE A . n 
A 1 54  MET 54  52  52 MET MET A . n 
A 1 55  GLY 55  53  53 GLY GLY A . n 
A 1 56  LYS 56  54  54 LYS LYS A . n 
A 1 57  LYS 57  55  55 LYS LYS A . n 
A 1 58  TYR 58  56  56 TYR TYR A . n 
A 1 59  PHE 59  57  57 PHE PHE A . n 
A 1 60  GLN 60  58  58 GLN GLN A . n 
A 1 61  THR 61  59  59 THR THR A . n 
A 1 62  GLU 62  60  60 GLU GLU A . n 
A 1 63  TYR 63  61  61 TYR TYR A . n 
A 1 64  PRO 64  62  62 PRO PRO A . n 
A 1 65  GLN 65  63  63 GLN GLN A . n 
A 1 66  SER 66  64  64 SER SER A . n 
A 1 67  GLY 67  65  65 GLY GLY A . n 
A 1 68  LEU 68  66  66 LEU LEU A . n 
A 1 69  PHE 69  67  67 PHE PHE A . n 
A 1 70  ILE 70  68  68 ILE ILE A . n 
A 1 71  GLN 71  69  69 GLN GLN A . n 
A 1 72  LEU 72  70  70 LEU LEU A . n 
A 1 73  GLN 73  71  71 GLN GLN A . n 
A 1 74  LYS 74  72  72 LYS LYS A . n 
A 1 75  VAL 75  73  73 VAL VAL A . n 
A 1 76  ALA 76  74  74 ALA ALA A . n 
A 1 77  SER 77  75  75 SER SER A . n 
A 1 78  LEU 78  76  76 LEU LEU A . n 
A 1 79  ILE 79  77  77 ILE ILE A . n 
A 1 80  GLU 80  78  78 GLU GLU A . n 
A 1 81  LYS 81  79  79 LYS LYS A . n 
A 1 82  ALA 82  80  80 ALA ALA A . n 
A 1 83  SER 83  81  81 SER SER A . n 
A 1 84  ILE 84  82  ?  ?   ?   A . n 
A 1 85  SER 85  83  ?  ?   ?   A . n 
A 1 86  GLN 86  84  ?  ?   ?   A . n 
A 1 87  THR 87  85  ?  ?   ?   A . n 
A 1 88  SER 88  86  ?  ?   ?   A . n 
A 1 89  ARG 89  87  ?  ?   ?   A . n 
A 1 90  ARG 90  88  ?  ?   ?   A . n 
A 1 91  THR 91  89  ?  ?   ?   A . n 
A 1 92  THR 92  90  ?  ?   ?   A . n 
A 1 93  MET 93  91  ?  ?   ?   A . n 
A 1 94  GLU 94  92  ?  ?   ?   A . n 
A 1 95  PRO 95  93  ?  ?   ?   A . n 
A 1 96  LEU 96  94  ?  ?   ?   A . n 
A 1 97  SER 97  95  ?  ?   ?   A . n 
A 1 98  ILE 98  96  ?  ?   ?   A . n 
A 1 99  PRO 99  97  ?  ?   ?   A . n 
A 1 100 LYS 100 98  ?  ?   ?   A . n 
A 1 101 ASN 101 99  ?  ?   ?   A . n 
A 1 102 ARG 102 100 ?  ?   ?   A . n 
B 2 1   SER 1   2   ?  ?   ?   B . n 
B 2 2   ASN 2   3   ?  ?   ?   B . n 
B 2 3   ASN 3   4   ?  ?   ?   B . n 
B 2 4   LEU 4   5   ?  ?   ?   B . n 
B 2 5   ILE 5   6   ?  ?   ?   B . n 
B 2 6   ILE 6   7   ?  ?   ?   B . n 
B 2 7   ASP 7   8   ?  ?   ?   B . n 
B 2 8   GLU 8   9   ?  ?   ?   B . n 
B 2 9   GLU 9   10  10 GLU GLU B . n 
B 2 10  THR 10  11  11 THR THR B . n 
B 2 11  PHE 11  12  12 PHE PHE B . n 
# 
loop_
_pdbx_nonpoly_scheme.asym_id 
_pdbx_nonpoly_scheme.entity_id 
_pdbx_nonpoly_scheme.mon_id 
_pdbx_nonpoly_scheme.ndb_seq_num 
_pdbx_nonpoly_scheme.pdb_seq_num 
_pdbx_nonpoly_scheme.auth_seq_num 
_pdbx_nonpoly_scheme.pdb_mon_id 
_pdbx_nonpoly_scheme.auth_mon_id 
_pdbx_nonpoly_scheme.pdb_strand_id 
_pdbx_nonpoly_scheme.pdb_ins_code 
C 3 HOH 1  201 22 HOH HOH A . 
C 3 HOH 2  202 29 HOH HOH A . 
C 3 HOH 3  203 17 HOH HOH A . 
C 3 HOH 4  204 49 HOH HOH A . 
C 3 HOH 5  205 10 HOH HOH A . 
C 3 HOH 6  206 27 HOH HOH A . 
C 3 HOH 7  207 8  HOH HOH A . 
C 3 HOH 8  208 52 HOH HOH A . 
C 3 HOH 9  209 2  HOH HOH A . 
C 3 HOH 10 210 5  HOH HOH A . 
C 3 HOH 11 211 32 HOH HOH A . 
C 3 HOH 12 212 1  HOH HOH A . 
C 3 HOH 13 213 55 HOH HOH A . 
C 3 HOH 14 214 24 HOH HOH A . 
C 3 HOH 15 215 25 HOH HOH A . 
C 3 HOH 16 216 30 HOH HOH A . 
C 3 HOH 17 217 4  HOH HOH A . 
C 3 HOH 18 218 35 HOH HOH A . 
C 3 HOH 19 219 50 HOH HOH A . 
C 3 HOH 20 220 37 HOH HOH A . 
C 3 HOH 21 221 6  HOH HOH A . 
C 3 HOH 22 222 11 HOH HOH A . 
C 3 HOH 23 223 14 HOH HOH A . 
C 3 HOH 24 224 21 HOH HOH A . 
C 3 HOH 25 225 40 HOH HOH A . 
C 3 HOH 26 226 46 HOH HOH A . 
C 3 HOH 27 227 19 HOH HOH A . 
C 3 HOH 28 228 42 HOH HOH A . 
C 3 HOH 29 229 39 HOH HOH A . 
C 3 HOH 30 230 13 HOH HOH A . 
C 3 HOH 31 231 26 HOH HOH A . 
C 3 HOH 32 232 16 HOH HOH A . 
C 3 HOH 33 233 15 HOH HOH A . 
C 3 HOH 34 234 18 HOH HOH A . 
C 3 HOH 35 235 12 HOH HOH A . 
C 3 HOH 36 236 44 HOH HOH A . 
C 3 HOH 37 237 7  HOH HOH A . 
C 3 HOH 38 238 23 HOH HOH A . 
C 3 HOH 39 239 3  HOH HOH A . 
C 3 HOH 40 240 34 HOH HOH A . 
C 3 HOH 41 241 28 HOH HOH A . 
C 3 HOH 42 242 47 HOH HOH A . 
C 3 HOH 43 243 53 HOH HOH A . 
C 3 HOH 44 244 36 HOH HOH A . 
C 3 HOH 45 245 54 HOH HOH A . 
C 3 HOH 46 246 43 HOH HOH A . 
C 3 HOH 47 247 48 HOH HOH A . 
C 3 HOH 48 248 51 HOH HOH A . 
C 3 HOH 49 249 20 HOH HOH A . 
C 3 HOH 50 250 38 HOH HOH A . 
C 3 HOH 51 251 31 HOH HOH A . 
C 3 HOH 52 252 41 HOH HOH A . 
C 3 HOH 53 253 33 HOH HOH A . 
C 3 HOH 54 254 9  HOH HOH A . 
D 3 HOH 1  101 45 HOH HOH B . 
# 
loop_
_pdbx_unobs_or_zero_occ_atoms.id 
_pdbx_unobs_or_zero_occ_atoms.PDB_model_num 
_pdbx_unobs_or_zero_occ_atoms.polymer_flag 
_pdbx_unobs_or_zero_occ_atoms.occupancy_flag 
_pdbx_unobs_or_zero_occ_atoms.auth_asym_id 
_pdbx_unobs_or_zero_occ_atoms.auth_comp_id 
_pdbx_unobs_or_zero_occ_atoms.auth_seq_id 
_pdbx_unobs_or_zero_occ_atoms.PDB_ins_code 
_pdbx_unobs_or_zero_occ_atoms.auth_atom_id 
_pdbx_unobs_or_zero_occ_atoms.label_alt_id 
_pdbx_unobs_or_zero_occ_atoms.label_asym_id 
_pdbx_unobs_or_zero_occ_atoms.label_comp_id 
_pdbx_unobs_or_zero_occ_atoms.label_seq_id 
_pdbx_unobs_or_zero_occ_atoms.label_atom_id 
1 1 Y 1 A LYS 79 ? CG  ? A LYS 81 CG  
2 1 Y 1 A LYS 79 ? CD  ? A LYS 81 CD  
3 1 Y 1 A LYS 79 ? CE  ? A LYS 81 CE  
4 1 Y 1 A LYS 79 ? NZ  ? A LYS 81 NZ  
5 1 Y 1 A SER 81 ? OG  ? A SER 83 OG  
6 1 Y 1 B GLU 10 ? CG  ? B GLU 9  CG  
7 1 Y 1 B GLU 10 ? CD  ? B GLU 9  CD  
8 1 Y 1 B GLU 10 ? OE1 ? B GLU 9  OE1 
9 1 Y 1 B GLU 10 ? OE2 ? B GLU 9  OE2 
# 
loop_
_software.citation_id 
_software.classification 
_software.compiler_name 
_software.compiler_version 
_software.contact_author 
_software.contact_author_email 
_software.date 
_software.description 
_software.dependencies 
_software.hardware 
_software.language 
_software.location 
_software.mods 
_software.name 
_software.os 
_software.os_version 
_software.type 
_software.version 
_software.pdbx_ordinal 
? refinement        ? ? ? ? ? ? ? ? ? ? ? REFMAC      ? ? ? 5.8.0155 1 
? 'data extraction' ? ? ? ? ? ? ? ? ? ? ? PDB_EXTRACT ? ? ? 3.24     2 
? 'data reduction'  ? ? ? ? ? ? ? ? ? ? ? XDS         ? ? ? .        3 
? 'data scaling'    ? ? ? ? ? ? ? ? ? ? ? XDS         ? ? ? .        4 
# 
_cell.angle_alpha                  90.000 
_cell.angle_alpha_esd              ? 
_cell.angle_beta                   90.000 
_cell.angle_beta_esd               ? 
_cell.angle_gamma                  90.000 
_cell.angle_gamma_esd              ? 
_cell.entry_id                     6FC6 
_cell.details                      ? 
_cell.formula_units_Z              ? 
_cell.length_a                     53.566 
_cell.length_a_esd                 ? 
_cell.length_b                     53.566 
_cell.length_b_esd                 ? 
_cell.length_c                     62.015 
_cell.length_c_esd                 ? 
_cell.volume                       ? 
_cell.volume_esd                   ? 
_cell.Z_PDB                        8 
_cell.reciprocal_angle_alpha       ? 
_cell.reciprocal_angle_beta        ? 
_cell.reciprocal_angle_gamma       ? 
_cell.reciprocal_angle_alpha_esd   ? 
_cell.reciprocal_angle_beta_esd    ? 
_cell.reciprocal_angle_gamma_esd   ? 
_cell.reciprocal_length_a          ? 
_cell.reciprocal_length_b          ? 
_cell.reciprocal_length_c          ? 
_cell.reciprocal_length_a_esd      ? 
_cell.reciprocal_length_b_esd      ? 
_cell.reciprocal_length_c_esd      ? 
_cell.pdbx_unique_axis             ? 
# 
_symmetry.entry_id                         6FC6 
_symmetry.cell_setting                     ? 
_symmetry.Int_Tables_number                92 
_symmetry.space_group_name_Hall            ? 
_symmetry.space_group_name_H-M             'P 41 21 2' 
_symmetry.pdbx_full_space_group_name_H-M   ? 
# 
_exptl.absorpt_coefficient_mu     ? 
_exptl.absorpt_correction_T_max   ? 
_exptl.absorpt_correction_T_min   ? 
_exptl.absorpt_correction_type    ? 
_exptl.absorpt_process_details    ? 
_exptl.entry_id                   6FC6 
_exptl.crystals_number            1 
_exptl.details                    ? 
_exptl.method                     'X-RAY DIFFRACTION' 
_exptl.method_details             ? 
# 
_exptl_crystal.colour                      ? 
_exptl_crystal.density_diffrn              ? 
_exptl_crystal.density_Matthews            2.33 
_exptl_crystal.density_method              ? 
_exptl_crystal.density_percent_sol         47.18 
_exptl_crystal.description                 ? 
_exptl_crystal.F_000                       ? 
_exptl_crystal.id                          1 
_exptl_crystal.preparation                 ? 
_exptl_crystal.size_max                    ? 
_exptl_crystal.size_mid                    ? 
_exptl_crystal.size_min                    ? 
_exptl_crystal.size_rad                    ? 
_exptl_crystal.colour_lustre               ? 
_exptl_crystal.colour_modifier             ? 
_exptl_crystal.colour_primary              ? 
_exptl_crystal.density_meas                ? 
_exptl_crystal.density_meas_esd            ? 
_exptl_crystal.density_meas_gt             ? 
_exptl_crystal.density_meas_lt             ? 
_exptl_crystal.density_meas_temp           ? 
_exptl_crystal.density_meas_temp_esd       ? 
_exptl_crystal.density_meas_temp_gt        ? 
_exptl_crystal.density_meas_temp_lt        ? 
_exptl_crystal.pdbx_crystal_image_url      ? 
_exptl_crystal.pdbx_crystal_image_format   ? 
_exptl_crystal.pdbx_mosaicity              ? 
_exptl_crystal.pdbx_mosaicity_esd          ? 
# 
_exptl_crystal_grow.apparatus       ? 
_exptl_crystal_grow.atmosphere      ? 
_exptl_crystal_grow.crystal_id      1 
_exptl_crystal_grow.details         ? 
_exptl_crystal_grow.method          'VAPOR DIFFUSION' 
_exptl_crystal_grow.method_ref      ? 
_exptl_crystal_grow.pH              6.4 
_exptl_crystal_grow.pressure        ? 
_exptl_crystal_grow.pressure_esd    ? 
_exptl_crystal_grow.seeding         ? 
_exptl_crystal_grow.seeding_ref     ? 
_exptl_crystal_grow.temp            293 
_exptl_crystal_grow.temp_details    ? 
_exptl_crystal_grow.temp_esd        ? 
_exptl_crystal_grow.time            ? 
_exptl_crystal_grow.pdbx_details    '0.1 M sodium cacodylate, 1.0 M sodium citrate.' 
_exptl_crystal_grow.pdbx_pH_range   ? 
# 
_diffrn.ambient_environment    ? 
_diffrn.ambient_temp           100 
_diffrn.ambient_temp_details   ? 
_diffrn.ambient_temp_esd       ? 
_diffrn.crystal_id             1 
_diffrn.crystal_support        ? 
_diffrn.crystal_treatment      ? 
_diffrn.details                ? 
_diffrn.id                     1 
_diffrn.ambient_pressure       ? 
_diffrn.ambient_pressure_esd   ? 
_diffrn.ambient_pressure_gt    ? 
_diffrn.ambient_pressure_lt    ? 
_diffrn.ambient_temp_gt        ? 
_diffrn.ambient_temp_lt        ? 
# 
_diffrn_detector.details                      ? 
_diffrn_detector.detector                     PIXEL 
_diffrn_detector.diffrn_id                    1 
_diffrn_detector.type                         'DECTRIS PILATUS 2M' 
_diffrn_detector.area_resol_mean              ? 
_diffrn_detector.dtime                        ? 
_diffrn_detector.pdbx_frames_total            ? 
_diffrn_detector.pdbx_collection_time_total   ? 
_diffrn_detector.pdbx_collection_date         2015-10-14 
# 
_diffrn_radiation.collimation                      ? 
_diffrn_radiation.diffrn_id                        1 
_diffrn_radiation.filter_edge                      ? 
_diffrn_radiation.inhomogeneity                    ? 
_diffrn_radiation.monochromator                    ? 
_diffrn_radiation.polarisn_norm                    ? 
_diffrn_radiation.polarisn_ratio                   ? 
_diffrn_radiation.probe                            ? 
_diffrn_radiation.type                             ? 
_diffrn_radiation.xray_symbol                      ? 
_diffrn_radiation.wavelength_id                    1 
_diffrn_radiation.pdbx_monochromatic_or_laue_m_l   M 
_diffrn_radiation.pdbx_wavelength_list             ? 
_diffrn_radiation.pdbx_wavelength                  ? 
_diffrn_radiation.pdbx_diffrn_protocol             'SINGLE WAVELENGTH' 
_diffrn_radiation.pdbx_analyzer                    ? 
_diffrn_radiation.pdbx_scattering_type             x-ray 
# 
_diffrn_radiation_wavelength.id           1 
_diffrn_radiation_wavelength.wavelength   1.0 
_diffrn_radiation_wavelength.wt           1.0 
# 
_diffrn_source.current                     ? 
_diffrn_source.details                     ? 
_diffrn_source.diffrn_id                   1 
_diffrn_source.power                       ? 
_diffrn_source.size                        ? 
_diffrn_source.source                      SYNCHROTRON 
_diffrn_source.target                      ? 
_diffrn_source.type                        'SLS BEAMLINE X06DA' 
_diffrn_source.voltage                     ? 
_diffrn_source.take-off_angle              ? 
_diffrn_source.pdbx_wavelength_list        1.0 
_diffrn_source.pdbx_wavelength             ? 
_diffrn_source.pdbx_synchrotron_beamline   X06DA 
_diffrn_source.pdbx_synchrotron_site       SLS 
# 
_reflns.B_iso_Wilson_estimate            ? 
_reflns.entry_id                         6FC6 
_reflns.data_reduction_details           ? 
_reflns.data_reduction_method            ? 
_reflns.d_resolution_high                1.8 
_reflns.d_resolution_low                 40.55 
_reflns.details                          ? 
_reflns.limit_h_max                      ? 
_reflns.limit_h_min                      ? 
_reflns.limit_k_max                      ? 
_reflns.limit_k_min                      ? 
_reflns.limit_l_max                      ? 
_reflns.limit_l_min                      ? 
_reflns.number_all                       ? 
_reflns.number_obs                       8808 
_reflns.observed_criterion               ? 
_reflns.observed_criterion_F_max         ? 
_reflns.observed_criterion_F_min         ? 
_reflns.observed_criterion_I_max         ? 
_reflns.observed_criterion_I_min         ? 
_reflns.observed_criterion_sigma_F       ? 
_reflns.observed_criterion_sigma_I       ? 
_reflns.percent_possible_obs             100 
_reflns.R_free_details                   ? 
_reflns.Rmerge_F_all                     ? 
_reflns.Rmerge_F_obs                     ? 
_reflns.Friedel_coverage                 ? 
_reflns.number_gt                        ? 
_reflns.threshold_expression             ? 
_reflns.pdbx_redundancy                  25.3 
_reflns.pdbx_Rmerge_I_obs                ? 
_reflns.pdbx_Rmerge_I_all                ? 
_reflns.pdbx_Rsym_value                  ? 
_reflns.pdbx_netI_over_av_sigmaI         ? 
_reflns.pdbx_netI_over_sigmaI            13.2 
_reflns.pdbx_res_netI_over_av_sigmaI_2   ? 
_reflns.pdbx_res_netI_over_sigmaI_2      ? 
_reflns.pdbx_chi_squared                 ? 
_reflns.pdbx_scaling_rejects             ? 
_reflns.pdbx_d_res_high_opt              ? 
_reflns.pdbx_d_res_low_opt               ? 
_reflns.pdbx_d_res_opt_method            ? 
_reflns.phase_calculation_details        ? 
_reflns.pdbx_Rrim_I_all                  ? 
_reflns.pdbx_Rpim_I_all                  ? 
_reflns.pdbx_d_opt                       ? 
_reflns.pdbx_number_measured_all         ? 
_reflns.pdbx_diffrn_id                   1 
_reflns.pdbx_ordinal                     1 
_reflns.pdbx_CC_half                     ? 
_reflns.pdbx_R_split                     ? 
# 
_reflns_shell.d_res_high                  1.8 
_reflns_shell.d_res_low                   1.87 
_reflns_shell.meanI_over_sigI_all         ? 
_reflns_shell.meanI_over_sigI_obs         ? 
_reflns_shell.number_measured_all         ? 
_reflns_shell.number_measured_obs         ? 
_reflns_shell.number_possible             ? 
_reflns_shell.number_unique_all           ? 
_reflns_shell.number_unique_obs           ? 
_reflns_shell.percent_possible_all        ? 
_reflns_shell.percent_possible_obs        ? 
_reflns_shell.Rmerge_F_all                ? 
_reflns_shell.Rmerge_F_obs                ? 
_reflns_shell.Rmerge_I_all                ? 
_reflns_shell.Rmerge_I_obs                ? 
_reflns_shell.meanI_over_sigI_gt          ? 
_reflns_shell.meanI_over_uI_all           ? 
_reflns_shell.meanI_over_uI_gt            ? 
_reflns_shell.number_measured_gt          ? 
_reflns_shell.number_unique_gt            ? 
_reflns_shell.percent_possible_gt         ? 
_reflns_shell.Rmerge_F_gt                 ? 
_reflns_shell.Rmerge_I_gt                 ? 
_reflns_shell.pdbx_redundancy             ? 
_reflns_shell.pdbx_Rsym_value             ? 
_reflns_shell.pdbx_chi_squared            ? 
_reflns_shell.pdbx_netI_over_sigmaI_all   ? 
_reflns_shell.pdbx_netI_over_sigmaI_obs   ? 
_reflns_shell.pdbx_Rrim_I_all             ? 
_reflns_shell.pdbx_Rpim_I_all             ? 
_reflns_shell.pdbx_rejects                ? 
_reflns_shell.pdbx_ordinal                1 
_reflns_shell.pdbx_diffrn_id              1 
_reflns_shell.pdbx_CC_half                ? 
_reflns_shell.pdbx_R_split                ? 
# 
_refine.aniso_B[1][1]                            0.5700 
_refine.aniso_B[1][2]                            0.0000 
_refine.aniso_B[1][3]                            0.0000 
_refine.aniso_B[2][2]                            0.5700 
_refine.aniso_B[2][3]                            0.0000 
_refine.aniso_B[3][3]                            -1.1300 
_refine.B_iso_max                                84.750 
_refine.B_iso_mean                               33.2500 
_refine.B_iso_min                                17.090 
_refine.correlation_coeff_Fo_to_Fc               0.9640 
_refine.correlation_coeff_Fo_to_Fc_free          0.9520 
_refine.details                                  
'HYDROGENS HAVE BEEN ADDED IN THE RIDING POSITIONS U VALUES      : REFINED INDIVIDUALLY' 
_refine.diff_density_max                         ? 
_refine.diff_density_max_esd                     ? 
_refine.diff_density_min                         ? 
_refine.diff_density_min_esd                     ? 
_refine.diff_density_rms                         ? 
_refine.diff_density_rms_esd                     ? 
_refine.entry_id                                 6FC6 
_refine.pdbx_refine_id                           'X-RAY DIFFRACTION' 
_refine.ls_abs_structure_details                 ? 
_refine.ls_abs_structure_Flack                   ? 
_refine.ls_abs_structure_Flack_esd               ? 
_refine.ls_abs_structure_Rogers                  ? 
_refine.ls_abs_structure_Rogers_esd              ? 
_refine.ls_d_res_high                            1.8000 
_refine.ls_d_res_low                             40.5400 
_refine.ls_extinction_coef                       ? 
_refine.ls_extinction_coef_esd                   ? 
_refine.ls_extinction_expression                 ? 
_refine.ls_extinction_method                     ? 
_refine.ls_goodness_of_fit_all                   ? 
_refine.ls_goodness_of_fit_all_esd               ? 
_refine.ls_goodness_of_fit_obs                   ? 
_refine.ls_goodness_of_fit_obs_esd               ? 
_refine.ls_hydrogen_treatment                    ? 
_refine.ls_matrix_type                           ? 
_refine.ls_number_constraints                    ? 
_refine.ls_number_parameters                     ? 
_refine.ls_number_reflns_all                     ? 
_refine.ls_number_reflns_obs                     7926 
_refine.ls_number_reflns_R_free                  881 
_refine.ls_number_reflns_R_work                  ? 
_refine.ls_number_restraints                     ? 
_refine.ls_percent_reflns_obs                    99.9800 
_refine.ls_percent_reflns_R_free                 10.0000 
_refine.ls_R_factor_all                          ? 
_refine.ls_R_factor_obs                          0.1894 
_refine.ls_R_factor_R_free                       0.2291 
_refine.ls_R_factor_R_free_error                 ? 
_refine.ls_R_factor_R_free_error_details         ? 
_refine.ls_R_factor_R_work                       0.1850 
_refine.ls_R_Fsqd_factor_obs                     ? 
_refine.ls_R_I_factor_obs                        ? 
_refine.ls_redundancy_reflns_all                 ? 
_refine.ls_redundancy_reflns_obs                 ? 
_refine.ls_restrained_S_all                      ? 
_refine.ls_restrained_S_obs                      ? 
_refine.ls_shift_over_esd_max                    ? 
_refine.ls_shift_over_esd_mean                   ? 
_refine.ls_structure_factor_coef                 ? 
_refine.ls_weighting_details                     ? 
_refine.ls_weighting_scheme                      ? 
_refine.ls_wR_factor_all                         ? 
_refine.ls_wR_factor_obs                         ? 
_refine.ls_wR_factor_R_free                      ? 
_refine.ls_wR_factor_R_work                      ? 
_refine.occupancy_max                            ? 
_refine.occupancy_min                            ? 
_refine.solvent_model_details                    ? 
_refine.solvent_model_param_bsol                 ? 
_refine.solvent_model_param_ksol                 ? 
_refine.ls_R_factor_gt                           ? 
_refine.ls_goodness_of_fit_gt                    ? 
_refine.ls_goodness_of_fit_ref                   ? 
_refine.ls_shift_over_su_max                     ? 
_refine.ls_shift_over_su_max_lt                  ? 
_refine.ls_shift_over_su_mean                    ? 
_refine.ls_shift_over_su_mean_lt                 ? 
_refine.pdbx_ls_sigma_I                          ? 
_refine.pdbx_ls_sigma_F                          0.000 
_refine.pdbx_ls_sigma_Fsqd                       ? 
_refine.pdbx_data_cutoff_high_absF               ? 
_refine.pdbx_data_cutoff_high_rms_absF           ? 
_refine.pdbx_data_cutoff_low_absF                ? 
_refine.pdbx_isotropic_thermal_model             ? 
_refine.pdbx_ls_cross_valid_method               THROUGHOUT 
_refine.pdbx_method_to_determine_struct          'MOLECULAR REPLACEMENT' 
_refine.pdbx_starting_model                      'Bik1 CAP-Gly domain (PDB ID: 6FC5)' 
_refine.pdbx_stereochemistry_target_values       ? 
_refine.pdbx_R_Free_selection_details            RANDOM 
_refine.pdbx_stereochem_target_val_spec_case     ? 
_refine.pdbx_overall_ESU_R                       0.1300 
_refine.pdbx_overall_ESU_R_Free                  0.1290 
_refine.pdbx_solvent_vdw_probe_radii             1.2000 
_refine.pdbx_solvent_ion_probe_radii             0.8000 
_refine.pdbx_solvent_shrinkage_radii             0.8000 
_refine.pdbx_real_space_R                        ? 
_refine.pdbx_density_correlation                 ? 
_refine.pdbx_pd_number_of_powder_patterns        ? 
_refine.pdbx_pd_number_of_points                 ? 
_refine.pdbx_pd_meas_number_of_points            ? 
_refine.pdbx_pd_proc_ls_prof_R_factor            ? 
_refine.pdbx_pd_proc_ls_prof_wR_factor           ? 
_refine.pdbx_pd_Marquardt_correlation_coeff      ? 
_refine.pdbx_pd_Fsqrd_R_factor                   ? 
_refine.pdbx_pd_ls_matrix_band_width             ? 
_refine.pdbx_overall_phase_error                 ? 
_refine.pdbx_overall_SU_R_free_Cruickshank_DPI   ? 
_refine.pdbx_overall_SU_R_free_Blow_DPI          ? 
_refine.pdbx_overall_SU_R_Blow_DPI               ? 
_refine.pdbx_TLS_residual_ADP_flag               ? 
_refine.pdbx_diffrn_id                           1 
_refine.overall_SU_B                             3.7680 
_refine.overall_SU_ML                            0.1060 
_refine.overall_SU_R_Cruickshank_DPI             ? 
_refine.overall_SU_R_free                        ? 
_refine.overall_FOM_free_R_set                   ? 
_refine.overall_FOM_work_R_set                   ? 
_refine.pdbx_average_fsc_overall                 ? 
_refine.pdbx_average_fsc_work                    ? 
_refine.pdbx_average_fsc_free                    ? 
# 
_refine_hist.cycle_id                         final 
_refine_hist.pdbx_refine_id                   'X-RAY DIFFRACTION' 
_refine_hist.d_res_high                       1.8000 
_refine_hist.d_res_low                        40.5400 
_refine_hist.pdbx_number_atoms_ligand         0 
_refine_hist.number_atoms_solvent             55 
_refine_hist.number_atoms_total               716 
_refine_hist.pdbx_number_residues_total       86 
_refine_hist.pdbx_B_iso_mean_solvent          42.63 
_refine_hist.pdbx_number_atoms_protein        661 
_refine_hist.pdbx_number_atoms_nucleic_acid   0 
# 
loop_
_refine_ls_restr.pdbx_refine_id 
_refine_ls_restr.criterion 
_refine_ls_restr.dev_ideal 
_refine_ls_restr.dev_ideal_target 
_refine_ls_restr.number 
_refine_ls_restr.rejects 
_refine_ls_restr.type 
_refine_ls_restr.weight 
_refine_ls_restr.pdbx_restraint_function 
'X-RAY DIFFRACTION' ? 0.019  0.020  673  ? r_bond_refined_d       ? ? 
'X-RAY DIFFRACTION' ? 0.002  0.020  657  ? r_bond_other_d         ? ? 
'X-RAY DIFFRACTION' ? 1.678  1.979  902  ? r_angle_refined_deg    ? ? 
'X-RAY DIFFRACTION' ? 1.045  3.000  1508 ? r_angle_other_deg      ? ? 
'X-RAY DIFFRACTION' ? 4.868  5.000  84   ? r_dihedral_angle_1_deg ? ? 
'X-RAY DIFFRACTION' ? 24.869 24.483 29   ? r_dihedral_angle_2_deg ? ? 
'X-RAY DIFFRACTION' ? 13.604 15.000 118  ? r_dihedral_angle_3_deg ? ? 
'X-RAY DIFFRACTION' ? 17.383 15.000 3    ? r_dihedral_angle_4_deg ? ? 
'X-RAY DIFFRACTION' ? 0.114  0.200  95   ? r_chiral_restr         ? ? 
'X-RAY DIFFRACTION' ? 0.009  0.021  769  ? r_gen_planes_refined   ? ? 
'X-RAY DIFFRACTION' ? 0.001  0.020  158  ? r_gen_planes_other     ? ? 
# 
_refine_ls_shell.pdbx_refine_id                   'X-RAY DIFFRACTION' 
_refine_ls_shell.d_res_high                       1.8020 
_refine_ls_shell.d_res_low                        1.8490 
_refine_ls_shell.number_reflns_all                645 
_refine_ls_shell.number_reflns_obs                ? 
_refine_ls_shell.number_reflns_R_free             65 
_refine_ls_shell.number_reflns_R_work             580 
_refine_ls_shell.percent_reflns_obs               99.6900 
_refine_ls_shell.percent_reflns_R_free            ? 
_refine_ls_shell.R_factor_all                     ? 
_refine_ls_shell.R_factor_obs                     ? 
_refine_ls_shell.R_factor_R_free                  0.4580 
_refine_ls_shell.R_factor_R_free_error            0.0000 
_refine_ls_shell.R_factor_R_work                  0.3700 
_refine_ls_shell.redundancy_reflns_all            ? 
_refine_ls_shell.redundancy_reflns_obs            ? 
_refine_ls_shell.wR_factor_all                    ? 
_refine_ls_shell.wR_factor_obs                    ? 
_refine_ls_shell.wR_factor_R_free                 ? 
_refine_ls_shell.wR_factor_R_work                 ? 
_refine_ls_shell.pdbx_total_number_of_bins_used   20 
_refine_ls_shell.pdbx_phase_error                 ? 
_refine_ls_shell.pdbx_fsc_work                    ? 
_refine_ls_shell.pdbx_fsc_free                    ? 
# 
_struct.entry_id                     6FC6 
_struct.title                        'Bik1 CAP-Gly domain with ETF peptide from Bim1' 
_struct.pdbx_model_details           ? 
_struct.pdbx_formula_weight          ? 
_struct.pdbx_formula_weight_method   ? 
_struct.pdbx_model_type_details      ? 
_struct.pdbx_CASP_flag               N 
# 
_struct_keywords.entry_id        6FC6 
_struct_keywords.text            '+TIP, Bik1, CAP-Gly, Bim1, ETF, yeast, CELL CYCLE' 
_struct_keywords.pdbx_keywords   'CELL CYCLE' 
# 
loop_
_struct_asym.id 
_struct_asym.pdbx_blank_PDB_chainid_flag 
_struct_asym.pdbx_modified 
_struct_asym.entity_id 
_struct_asym.details 
A N N 1 ? 
B N N 2 ? 
C N N 3 ? 
D N N 3 ? 
# 
loop_
_struct_ref.id 
_struct_ref.db_name 
_struct_ref.db_code 
_struct_ref.pdbx_db_accession 
_struct_ref.pdbx_db_isoform 
_struct_ref.entity_id 
_struct_ref.pdbx_seq_one_letter_code 
_struct_ref.pdbx_align_begin 
1 UNP BIK1_YEAST P11709 ? 1 
;MDRYQRKIGCFIQIPNLGRGQLKYVGPVDTKAGMFAGVDLLANIGKNDGSFMGKKYFQTEYPQSGLFIQLQKVASLIEKA
SISQTSRRTTMEPLSIPKNR
;
1   
2 UNP BIM1_YEAST P40013 ? 2 SNNLIIDEETF 334 
# 
loop_
_struct_ref_seq.align_id 
_struct_ref_seq.ref_id 
_struct_ref_seq.pdbx_PDB_id_code 
_struct_ref_seq.pdbx_strand_id 
_struct_ref_seq.seq_align_beg 
_struct_ref_seq.pdbx_seq_align_beg_ins_code 
_struct_ref_seq.seq_align_end 
_struct_ref_seq.pdbx_seq_align_end_ins_code 
_struct_ref_seq.pdbx_db_accession 
_struct_ref_seq.db_align_beg 
_struct_ref_seq.pdbx_db_align_beg_ins_code 
_struct_ref_seq.db_align_end 
_struct_ref_seq.pdbx_db_align_end_ins_code 
_struct_ref_seq.pdbx_auth_seq_align_beg 
_struct_ref_seq.pdbx_auth_seq_align_end 
1 1 6FC6 A 3 ? 102 ? P11709 1   ? 100 ? 1 100 
2 2 6FC6 B 1 ? 11  ? P40013 334 ? 344 ? 2 12  
# 
loop_
_struct_ref_seq_dif.align_id 
_struct_ref_seq_dif.pdbx_pdb_id_code 
_struct_ref_seq_dif.mon_id 
_struct_ref_seq_dif.pdbx_pdb_strand_id 
_struct_ref_seq_dif.seq_num 
_struct_ref_seq_dif.pdbx_pdb_ins_code 
_struct_ref_seq_dif.pdbx_seq_db_name 
_struct_ref_seq_dif.pdbx_seq_db_accession_code 
_struct_ref_seq_dif.db_mon_id 
_struct_ref_seq_dif.pdbx_seq_db_seq_num 
_struct_ref_seq_dif.details 
_struct_ref_seq_dif.pdbx_auth_seq_num 
_struct_ref_seq_dif.pdbx_ordinal 
1 6FC6 GLY A 1 ? UNP P11709 ? ? 'expression tag' -1 1 
1 6FC6 PRO A 2 ? UNP P11709 ? ? 'expression tag' 0  2 
# 
_pdbx_struct_assembly.id                   1 
_pdbx_struct_assembly.details              author_and_software_defined_assembly 
_pdbx_struct_assembly.method_details       PISA 
_pdbx_struct_assembly.oligomeric_details   dimeric 
_pdbx_struct_assembly.oligomeric_count     2 
# 
loop_
_pdbx_struct_assembly_prop.biol_id 
_pdbx_struct_assembly_prop.type 
_pdbx_struct_assembly_prop.value 
_pdbx_struct_assembly_prop.details 
1 'ABSA (A^2)' 600  ? 
1 MORE         -1   ? 
1 'SSA (A^2)'  4920 ? 
# 
_pdbx_struct_assembly_gen.assembly_id       1 
_pdbx_struct_assembly_gen.oper_expression   1 
_pdbx_struct_assembly_gen.asym_id_list      A,B,C,D 
# 
loop_
_pdbx_struct_assembly_auth_evidence.id 
_pdbx_struct_assembly_auth_evidence.assembly_id 
_pdbx_struct_assembly_auth_evidence.experimental_support 
_pdbx_struct_assembly_auth_evidence.details 
1 1 'gel filtration'                   ? 
2 1 'isothermal titration calorimetry' ? 
# 
_pdbx_struct_oper_list.id                   1 
_pdbx_struct_oper_list.type                 'identity operation' 
_pdbx_struct_oper_list.name                 1_555 
_pdbx_struct_oper_list.symmetry_operation   x,y,z 
_pdbx_struct_oper_list.matrix[1][1]         1.0000000000 
_pdbx_struct_oper_list.matrix[1][2]         0.0000000000 
_pdbx_struct_oper_list.matrix[1][3]         0.0000000000 
_pdbx_struct_oper_list.vector[1]            0.0000000000 
_pdbx_struct_oper_list.matrix[2][1]         0.0000000000 
_pdbx_struct_oper_list.matrix[2][2]         1.0000000000 
_pdbx_struct_oper_list.matrix[2][3]         0.0000000000 
_pdbx_struct_oper_list.vector[2]            0.0000000000 
_pdbx_struct_oper_list.matrix[3][1]         0.0000000000 
_pdbx_struct_oper_list.matrix[3][2]         0.0000000000 
_pdbx_struct_oper_list.matrix[3][3]         1.0000000000 
_pdbx_struct_oper_list.vector[3]            0.0000000000 
# 
loop_
_struct_conf.conf_type_id 
_struct_conf.id 
_struct_conf.pdbx_PDB_helix_id 
_struct_conf.beg_label_comp_id 
_struct_conf.beg_label_asym_id 
_struct_conf.beg_label_seq_id 
_struct_conf.pdbx_beg_PDB_ins_code 
_struct_conf.end_label_comp_id 
_struct_conf.end_label_asym_id 
_struct_conf.end_label_seq_id 
_struct_conf.pdbx_end_PDB_ins_code 
_struct_conf.beg_auth_comp_id 
_struct_conf.beg_auth_asym_id 
_struct_conf.beg_auth_seq_id 
_struct_conf.end_auth_comp_id 
_struct_conf.end_auth_asym_id 
_struct_conf.end_auth_seq_id 
_struct_conf.pdbx_PDB_helix_class 
_struct_conf.details 
_struct_conf.pdbx_PDB_helix_length 
HELX_P HELX_P1 AA1 MET A 3  ? ARG A 8  ? MET A 1  ARG A 6  1 ? 6  
HELX_P HELX_P2 AA2 LEU A 72 ? ALA A 82 ? LEU A 70 ALA A 80 1 ? 11 
# 
_struct_conf_type.id          HELX_P 
_struct_conf_type.criteria    ? 
_struct_conf_type.reference   ? 
# 
loop_
_struct_sheet.id 
_struct_sheet.type 
_struct_sheet.number_strands 
_struct_sheet.details 
AA1 ? 4 ? 
AA2 ? 2 ? 
# 
loop_
_struct_sheet_order.sheet_id 
_struct_sheet_order.range_id_1 
_struct_sheet_order.range_id_2 
_struct_sheet_order.offset 
_struct_sheet_order.sense 
AA1 1 2 ? anti-parallel 
AA1 2 3 ? anti-parallel 
AA1 3 4 ? anti-parallel 
AA2 1 2 ? anti-parallel 
# 
loop_
_struct_sheet_range.sheet_id 
_struct_sheet_range.id 
_struct_sheet_range.beg_label_comp_id 
_struct_sheet_range.beg_label_asym_id 
_struct_sheet_range.beg_label_seq_id 
_struct_sheet_range.pdbx_beg_PDB_ins_code 
_struct_sheet_range.end_label_comp_id 
_struct_sheet_range.end_label_asym_id 
_struct_sheet_range.end_label_seq_id 
_struct_sheet_range.pdbx_end_PDB_ins_code 
_struct_sheet_range.beg_auth_comp_id 
_struct_sheet_range.beg_auth_asym_id 
_struct_sheet_range.beg_auth_seq_id 
_struct_sheet_range.end_auth_comp_id 
_struct_sheet_range.end_auth_asym_id 
_struct_sheet_range.end_auth_seq_id 
AA1 1 PHE A 13 ? ILE A 16 ? PHE A 11 ILE A 14 
AA1 2 GLY A 20 ? GLY A 28 ? GLY A 18 GLY A 26 
AA1 3 PHE A 37 ? ASP A 41 ? PHE A 35 ASP A 39 
AA1 4 GLY A 67 ? GLN A 71 ? GLY A 65 GLN A 69 
AA2 1 SER A 52 ? PHE A 53 ? SER A 50 PHE A 51 
AA2 2 LYS A 56 ? LYS A 57 ? LYS A 54 LYS A 55 
# 
loop_
_pdbx_struct_sheet_hbond.sheet_id 
_pdbx_struct_sheet_hbond.range_id_1 
_pdbx_struct_sheet_hbond.range_id_2 
_pdbx_struct_sheet_hbond.range_1_label_atom_id 
_pdbx_struct_sheet_hbond.range_1_label_comp_id 
_pdbx_struct_sheet_hbond.range_1_label_asym_id 
_pdbx_struct_sheet_hbond.range_1_label_seq_id 
_pdbx_struct_sheet_hbond.range_1_PDB_ins_code 
_pdbx_struct_sheet_hbond.range_1_auth_atom_id 
_pdbx_struct_sheet_hbond.range_1_auth_comp_id 
_pdbx_struct_sheet_hbond.range_1_auth_asym_id 
_pdbx_struct_sheet_hbond.range_1_auth_seq_id 
_pdbx_struct_sheet_hbond.range_2_label_atom_id 
_pdbx_struct_sheet_hbond.range_2_label_comp_id 
_pdbx_struct_sheet_hbond.range_2_label_asym_id 
_pdbx_struct_sheet_hbond.range_2_label_seq_id 
_pdbx_struct_sheet_hbond.range_2_PDB_ins_code 
_pdbx_struct_sheet_hbond.range_2_auth_atom_id 
_pdbx_struct_sheet_hbond.range_2_auth_comp_id 
_pdbx_struct_sheet_hbond.range_2_auth_asym_id 
_pdbx_struct_sheet_hbond.range_2_auth_seq_id 
AA1 1 2 N ILE A 14 ? N ILE A 12 O GLY A 22 ? O GLY A 20 
AA1 2 3 N LYS A 25 ? N LYS A 23 O GLY A 39 ? O GLY A 37 
AA1 3 4 N ALA A 38 ? N ALA A 36 O ILE A 70 ? O ILE A 68 
AA2 1 2 N PHE A 53 ? N PHE A 51 O LYS A 56 ? O LYS A 54 
# 
_pdbx_validate_close_contact.id               1 
_pdbx_validate_close_contact.PDB_model_num    1 
_pdbx_validate_close_contact.auth_atom_id_1   O 
_pdbx_validate_close_contact.auth_asym_id_1   A 
_pdbx_validate_close_contact.auth_comp_id_1   HOH 
_pdbx_validate_close_contact.auth_seq_id_1    224 
_pdbx_validate_close_contact.PDB_ins_code_1   ? 
_pdbx_validate_close_contact.label_alt_id_1   ? 
_pdbx_validate_close_contact.auth_atom_id_2   O 
_pdbx_validate_close_contact.auth_asym_id_2   A 
_pdbx_validate_close_contact.auth_comp_id_2   HOH 
_pdbx_validate_close_contact.auth_seq_id_2    249 
_pdbx_validate_close_contact.PDB_ins_code_2   ? 
_pdbx_validate_close_contact.label_alt_id_2   ? 
_pdbx_validate_close_contact.dist             2.08 
# 
_pdbx_validate_symm_contact.id                1 
_pdbx_validate_symm_contact.PDB_model_num     1 
_pdbx_validate_symm_contact.auth_atom_id_1    O 
_pdbx_validate_symm_contact.auth_asym_id_1    A 
_pdbx_validate_symm_contact.auth_comp_id_1    HOH 
_pdbx_validate_symm_contact.auth_seq_id_1     250 
_pdbx_validate_symm_contact.PDB_ins_code_1    ? 
_pdbx_validate_symm_contact.label_alt_id_1    ? 
_pdbx_validate_symm_contact.site_symmetry_1   1_555 
_pdbx_validate_symm_contact.auth_atom_id_2    O 
_pdbx_validate_symm_contact.auth_asym_id_2    A 
_pdbx_validate_symm_contact.auth_comp_id_2    HOH 
_pdbx_validate_symm_contact.auth_seq_id_2     250 
_pdbx_validate_symm_contact.PDB_ins_code_2    ? 
_pdbx_validate_symm_contact.label_alt_id_2    ? 
_pdbx_validate_symm_contact.site_symmetry_2   7_555 
_pdbx_validate_symm_contact.dist              2.12 
# 
loop_
_pdbx_validate_torsion.id 
_pdbx_validate_torsion.PDB_model_num 
_pdbx_validate_torsion.auth_comp_id 
_pdbx_validate_torsion.auth_asym_id 
_pdbx_validate_torsion.auth_seq_id 
_pdbx_validate_torsion.PDB_ins_code 
_pdbx_validate_torsion.label_alt_id 
_pdbx_validate_torsion.phi 
_pdbx_validate_torsion.psi 
1 1 LEU A 17 ? ? -126.48 -54.13 
2 1 ASN A 43 ? ? -78.84  46.68  
# 
loop_
_pdbx_unobs_or_zero_occ_residues.id 
_pdbx_unobs_or_zero_occ_residues.PDB_model_num 
_pdbx_unobs_or_zero_occ_residues.polymer_flag 
_pdbx_unobs_or_zero_occ_residues.occupancy_flag 
_pdbx_unobs_or_zero_occ_residues.auth_asym_id 
_pdbx_unobs_or_zero_occ_residues.auth_comp_id 
_pdbx_unobs_or_zero_occ_residues.auth_seq_id 
_pdbx_unobs_or_zero_occ_residues.PDB_ins_code 
_pdbx_unobs_or_zero_occ_residues.label_asym_id 
_pdbx_unobs_or_zero_occ_residues.label_comp_id 
_pdbx_unobs_or_zero_occ_residues.label_seq_id 
1  1 Y 1 A ILE 82  ? A ILE 84  
2  1 Y 1 A SER 83  ? A SER 85  
3  1 Y 1 A GLN 84  ? A GLN 86  
4  1 Y 1 A THR 85  ? A THR 87  
5  1 Y 1 A SER 86  ? A SER 88  
6  1 Y 1 A ARG 87  ? A ARG 89  
7  1 Y 1 A ARG 88  ? A ARG 90  
8  1 Y 1 A THR 89  ? A THR 91  
9  1 Y 1 A THR 90  ? A THR 92  
10 1 Y 1 A MET 91  ? A MET 93  
11 1 Y 1 A GLU 92  ? A GLU 94  
12 1 Y 1 A PRO 93  ? A PRO 95  
13 1 Y 1 A LEU 94  ? A LEU 96  
14 1 Y 1 A SER 95  ? A SER 97  
15 1 Y 1 A ILE 96  ? A ILE 98  
16 1 Y 1 A PRO 97  ? A PRO 99  
17 1 Y 1 A LYS 98  ? A LYS 100 
18 1 Y 1 A ASN 99  ? A ASN 101 
19 1 Y 1 A ARG 100 ? A ARG 102 
20 1 Y 1 B SER 2   ? B SER 1   
21 1 Y 1 B ASN 3   ? B ASN 2   
22 1 Y 1 B ASN 4   ? B ASN 3   
23 1 Y 1 B LEU 5   ? B LEU 4   
24 1 Y 1 B ILE 6   ? B ILE 5   
25 1 Y 1 B ILE 7   ? B ILE 6   
26 1 Y 1 B ASP 8   ? B ASP 7   
27 1 Y 1 B GLU 9   ? B GLU 8   
# 
loop_
_chem_comp_atom.comp_id 
_chem_comp_atom.atom_id 
_chem_comp_atom.type_symbol 
_chem_comp_atom.pdbx_aromatic_flag 
_chem_comp_atom.pdbx_stereo_config 
_chem_comp_atom.pdbx_ordinal 
ALA N    N N N 1   
ALA CA   C N S 2   
ALA C    C N N 3   
ALA O    O N N 4   
ALA CB   C N N 5   
ALA OXT  O N N 6   
ALA H    H N N 7   
ALA H2   H N N 8   
ALA HA   H N N 9   
ALA HB1  H N N 10  
ALA HB2  H N N 11  
ALA HB3  H N N 12  
ALA HXT  H N N 13  
ARG N    N N N 14  
ARG CA   C N S 15  
ARG C    C N N 16  
ARG O    O N N 17  
ARG CB   C N N 18  
ARG CG   C N N 19  
ARG CD   C N N 20  
ARG NE   N N N 21  
ARG CZ   C N N 22  
ARG NH1  N N N 23  
ARG NH2  N N N 24  
ARG OXT  O N N 25  
ARG H    H N N 26  
ARG H2   H N N 27  
ARG HA   H N N 28  
ARG HB2  H N N 29  
ARG HB3  H N N 30  
ARG HG2  H N N 31  
ARG HG3  H N N 32  
ARG HD2  H N N 33  
ARG HD3  H N N 34  
ARG HE   H N N 35  
ARG HH11 H N N 36  
ARG HH12 H N N 37  
ARG HH21 H N N 38  
ARG HH22 H N N 39  
ARG HXT  H N N 40  
ASN N    N N N 41  
ASN CA   C N S 42  
ASN C    C N N 43  
ASN O    O N N 44  
ASN CB   C N N 45  
ASN CG   C N N 46  
ASN OD1  O N N 47  
ASN ND2  N N N 48  
ASN OXT  O N N 49  
ASN H    H N N 50  
ASN H2   H N N 51  
ASN HA   H N N 52  
ASN HB2  H N N 53  
ASN HB3  H N N 54  
ASN HD21 H N N 55  
ASN HD22 H N N 56  
ASN HXT  H N N 57  
ASP N    N N N 58  
ASP CA   C N S 59  
ASP C    C N N 60  
ASP O    O N N 61  
ASP CB   C N N 62  
ASP CG   C N N 63  
ASP OD1  O N N 64  
ASP OD2  O N N 65  
ASP OXT  O N N 66  
ASP H    H N N 67  
ASP H2   H N N 68  
ASP HA   H N N 69  
ASP HB2  H N N 70  
ASP HB3  H N N 71  
ASP HD2  H N N 72  
ASP HXT  H N N 73  
CYS N    N N N 74  
CYS CA   C N R 75  
CYS C    C N N 76  
CYS O    O N N 77  
CYS CB   C N N 78  
CYS SG   S N N 79  
CYS OXT  O N N 80  
CYS H    H N N 81  
CYS H2   H N N 82  
CYS HA   H N N 83  
CYS HB2  H N N 84  
CYS HB3  H N N 85  
CYS HG   H N N 86  
CYS HXT  H N N 87  
GLN N    N N N 88  
GLN CA   C N S 89  
GLN C    C N N 90  
GLN O    O N N 91  
GLN CB   C N N 92  
GLN CG   C N N 93  
GLN CD   C N N 94  
GLN OE1  O N N 95  
GLN NE2  N N N 96  
GLN OXT  O N N 97  
GLN H    H N N 98  
GLN H2   H N N 99  
GLN HA   H N N 100 
GLN HB2  H N N 101 
GLN HB3  H N N 102 
GLN HG2  H N N 103 
GLN HG3  H N N 104 
GLN HE21 H N N 105 
GLN HE22 H N N 106 
GLN HXT  H N N 107 
GLU N    N N N 108 
GLU CA   C N S 109 
GLU C    C N N 110 
GLU O    O N N 111 
GLU CB   C N N 112 
GLU CG   C N N 113 
GLU CD   C N N 114 
GLU OE1  O N N 115 
GLU OE2  O N N 116 
GLU OXT  O N N 117 
GLU H    H N N 118 
GLU H2   H N N 119 
GLU HA   H N N 120 
GLU HB2  H N N 121 
GLU HB3  H N N 122 
GLU HG2  H N N 123 
GLU HG3  H N N 124 
GLU HE2  H N N 125 
GLU HXT  H N N 126 
GLY N    N N N 127 
GLY CA   C N N 128 
GLY C    C N N 129 
GLY O    O N N 130 
GLY OXT  O N N 131 
GLY H    H N N 132 
GLY H2   H N N 133 
GLY HA2  H N N 134 
GLY HA3  H N N 135 
GLY HXT  H N N 136 
HOH O    O N N 137 
HOH H1   H N N 138 
HOH H2   H N N 139 
ILE N    N N N 140 
ILE CA   C N S 141 
ILE C    C N N 142 
ILE O    O N N 143 
ILE CB   C N S 144 
ILE CG1  C N N 145 
ILE CG2  C N N 146 
ILE CD1  C N N 147 
ILE OXT  O N N 148 
ILE H    H N N 149 
ILE H2   H N N 150 
ILE HA   H N N 151 
ILE HB   H N N 152 
ILE HG12 H N N 153 
ILE HG13 H N N 154 
ILE HG21 H N N 155 
ILE HG22 H N N 156 
ILE HG23 H N N 157 
ILE HD11 H N N 158 
ILE HD12 H N N 159 
ILE HD13 H N N 160 
ILE HXT  H N N 161 
LEU N    N N N 162 
LEU CA   C N S 163 
LEU C    C N N 164 
LEU O    O N N 165 
LEU CB   C N N 166 
LEU CG   C N N 167 
LEU CD1  C N N 168 
LEU CD2  C N N 169 
LEU OXT  O N N 170 
LEU H    H N N 171 
LEU H2   H N N 172 
LEU HA   H N N 173 
LEU HB2  H N N 174 
LEU HB3  H N N 175 
LEU HG   H N N 176 
LEU HD11 H N N 177 
LEU HD12 H N N 178 
LEU HD13 H N N 179 
LEU HD21 H N N 180 
LEU HD22 H N N 181 
LEU HD23 H N N 182 
LEU HXT  H N N 183 
LYS N    N N N 184 
LYS CA   C N S 185 
LYS C    C N N 186 
LYS O    O N N 187 
LYS CB   C N N 188 
LYS CG   C N N 189 
LYS CD   C N N 190 
LYS CE   C N N 191 
LYS NZ   N N N 192 
LYS OXT  O N N 193 
LYS H    H N N 194 
LYS H2   H N N 195 
LYS HA   H N N 196 
LYS HB2  H N N 197 
LYS HB3  H N N 198 
LYS HG2  H N N 199 
LYS HG3  H N N 200 
LYS HD2  H N N 201 
LYS HD3  H N N 202 
LYS HE2  H N N 203 
LYS HE3  H N N 204 
LYS HZ1  H N N 205 
LYS HZ2  H N N 206 
LYS HZ3  H N N 207 
LYS HXT  H N N 208 
MET N    N N N 209 
MET CA   C N S 210 
MET C    C N N 211 
MET O    O N N 212 
MET CB   C N N 213 
MET CG   C N N 214 
MET SD   S N N 215 
MET CE   C N N 216 
MET OXT  O N N 217 
MET H    H N N 218 
MET H2   H N N 219 
MET HA   H N N 220 
MET HB2  H N N 221 
MET HB3  H N N 222 
MET HG2  H N N 223 
MET HG3  H N N 224 
MET HE1  H N N 225 
MET HE2  H N N 226 
MET HE3  H N N 227 
MET HXT  H N N 228 
PHE N    N N N 229 
PHE CA   C N S 230 
PHE C    C N N 231 
PHE O    O N N 232 
PHE CB   C N N 233 
PHE CG   C Y N 234 
PHE CD1  C Y N 235 
PHE CD2  C Y N 236 
PHE CE1  C Y N 237 
PHE CE2  C Y N 238 
PHE CZ   C Y N 239 
PHE OXT  O N N 240 
PHE H    H N N 241 
PHE H2   H N N 242 
PHE HA   H N N 243 
PHE HB2  H N N 244 
PHE HB3  H N N 245 
PHE HD1  H N N 246 
PHE HD2  H N N 247 
PHE HE1  H N N 248 
PHE HE2  H N N 249 
PHE HZ   H N N 250 
PHE HXT  H N N 251 
PRO N    N N N 252 
PRO CA   C N S 253 
PRO C    C N N 254 
PRO O    O N N 255 
PRO CB   C N N 256 
PRO CG   C N N 257 
PRO CD   C N N 258 
PRO OXT  O N N 259 
PRO H    H N N 260 
PRO HA   H N N 261 
PRO HB2  H N N 262 
PRO HB3  H N N 263 
PRO HG2  H N N 264 
PRO HG3  H N N 265 
PRO HD2  H N N 266 
PRO HD3  H N N 267 
PRO HXT  H N N 268 
SER N    N N N 269 
SER CA   C N S 270 
SER C    C N N 271 
SER O    O N N 272 
SER CB   C N N 273 
SER OG   O N N 274 
SER OXT  O N N 275 
SER H    H N N 276 
SER H2   H N N 277 
SER HA   H N N 278 
SER HB2  H N N 279 
SER HB3  H N N 280 
SER HG   H N N 281 
SER HXT  H N N 282 
THR N    N N N 283 
THR CA   C N S 284 
THR C    C N N 285 
THR O    O N N 286 
THR CB   C N R 287 
THR OG1  O N N 288 
THR CG2  C N N 289 
THR OXT  O N N 290 
THR H    H N N 291 
THR H2   H N N 292 
THR HA   H N N 293 
THR HB   H N N 294 
THR HG1  H N N 295 
THR HG21 H N N 296 
THR HG22 H N N 297 
THR HG23 H N N 298 
THR HXT  H N N 299 
TYR N    N N N 300 
TYR CA   C N S 301 
TYR C    C N N 302 
TYR O    O N N 303 
TYR CB   C N N 304 
TYR CG   C Y N 305 
TYR CD1  C Y N 306 
TYR CD2  C Y N 307 
TYR CE1  C Y N 308 
TYR CE2  C Y N 309 
TYR CZ   C Y N 310 
TYR OH   O N N 311 
TYR OXT  O N N 312 
TYR H    H N N 313 
TYR H2   H N N 314 
TYR HA   H N N 315 
TYR HB2  H N N 316 
TYR HB3  H N N 317 
TYR HD1  H N N 318 
TYR HD2  H N N 319 
TYR HE1  H N N 320 
TYR HE2  H N N 321 
TYR HH   H N N 322 
TYR HXT  H N N 323 
VAL N    N N N 324 
VAL CA   C N S 325 
VAL C    C N N 326 
VAL O    O N N 327 
VAL CB   C N N 328 
VAL CG1  C N N 329 
VAL CG2  C N N 330 
VAL OXT  O N N 331 
VAL H    H N N 332 
VAL H2   H N N 333 
VAL HA   H N N 334 
VAL HB   H N N 335 
VAL HG11 H N N 336 
VAL HG12 H N N 337 
VAL HG13 H N N 338 
VAL HG21 H N N 339 
VAL HG22 H N N 340 
VAL HG23 H N N 341 
VAL HXT  H N N 342 
# 
loop_
_chem_comp_bond.comp_id 
_chem_comp_bond.atom_id_1 
_chem_comp_bond.atom_id_2 
_chem_comp_bond.value_order 
_chem_comp_bond.pdbx_aromatic_flag 
_chem_comp_bond.pdbx_stereo_config 
_chem_comp_bond.pdbx_ordinal 
ALA N   CA   sing N N 1   
ALA N   H    sing N N 2   
ALA N   H2   sing N N 3   
ALA CA  C    sing N N 4   
ALA CA  CB   sing N N 5   
ALA CA  HA   sing N N 6   
ALA C   O    doub N N 7   
ALA C   OXT  sing N N 8   
ALA CB  HB1  sing N N 9   
ALA CB  HB2  sing N N 10  
ALA CB  HB3  sing N N 11  
ALA OXT HXT  sing N N 12  
ARG N   CA   sing N N 13  
ARG N   H    sing N N 14  
ARG N   H2   sing N N 15  
ARG CA  C    sing N N 16  
ARG CA  CB   sing N N 17  
ARG CA  HA   sing N N 18  
ARG C   O    doub N N 19  
ARG C   OXT  sing N N 20  
ARG CB  CG   sing N N 21  
ARG CB  HB2  sing N N 22  
ARG CB  HB3  sing N N 23  
ARG CG  CD   sing N N 24  
ARG CG  HG2  sing N N 25  
ARG CG  HG3  sing N N 26  
ARG CD  NE   sing N N 27  
ARG CD  HD2  sing N N 28  
ARG CD  HD3  sing N N 29  
ARG NE  CZ   sing N N 30  
ARG NE  HE   sing N N 31  
ARG CZ  NH1  sing N N 32  
ARG CZ  NH2  doub N N 33  
ARG NH1 HH11 sing N N 34  
ARG NH1 HH12 sing N N 35  
ARG NH2 HH21 sing N N 36  
ARG NH2 HH22 sing N N 37  
ARG OXT HXT  sing N N 38  
ASN N   CA   sing N N 39  
ASN N   H    sing N N 40  
ASN N   H2   sing N N 41  
ASN CA  C    sing N N 42  
ASN CA  CB   sing N N 43  
ASN CA  HA   sing N N 44  
ASN C   O    doub N N 45  
ASN C   OXT  sing N N 46  
ASN CB  CG   sing N N 47  
ASN CB  HB2  sing N N 48  
ASN CB  HB3  sing N N 49  
ASN CG  OD1  doub N N 50  
ASN CG  ND2  sing N N 51  
ASN ND2 HD21 sing N N 52  
ASN ND2 HD22 sing N N 53  
ASN OXT HXT  sing N N 54  
ASP N   CA   sing N N 55  
ASP N   H    sing N N 56  
ASP N   H2   sing N N 57  
ASP CA  C    sing N N 58  
ASP CA  CB   sing N N 59  
ASP CA  HA   sing N N 60  
ASP C   O    doub N N 61  
ASP C   OXT  sing N N 62  
ASP CB  CG   sing N N 63  
ASP CB  HB2  sing N N 64  
ASP CB  HB3  sing N N 65  
ASP CG  OD1  doub N N 66  
ASP CG  OD2  sing N N 67  
ASP OD2 HD2  sing N N 68  
ASP OXT HXT  sing N N 69  
CYS N   CA   sing N N 70  
CYS N   H    sing N N 71  
CYS N   H2   sing N N 72  
CYS CA  C    sing N N 73  
CYS CA  CB   sing N N 74  
CYS CA  HA   sing N N 75  
CYS C   O    doub N N 76  
CYS C   OXT  sing N N 77  
CYS CB  SG   sing N N 78  
CYS CB  HB2  sing N N 79  
CYS CB  HB3  sing N N 80  
CYS SG  HG   sing N N 81  
CYS OXT HXT  sing N N 82  
GLN N   CA   sing N N 83  
GLN N   H    sing N N 84  
GLN N   H2   sing N N 85  
GLN CA  C    sing N N 86  
GLN CA  CB   sing N N 87  
GLN CA  HA   sing N N 88  
GLN C   O    doub N N 89  
GLN C   OXT  sing N N 90  
GLN CB  CG   sing N N 91  
GLN CB  HB2  sing N N 92  
GLN CB  HB3  sing N N 93  
GLN CG  CD   sing N N 94  
GLN CG  HG2  sing N N 95  
GLN CG  HG3  sing N N 96  
GLN CD  OE1  doub N N 97  
GLN CD  NE2  sing N N 98  
GLN NE2 HE21 sing N N 99  
GLN NE2 HE22 sing N N 100 
GLN OXT HXT  sing N N 101 
GLU N   CA   sing N N 102 
GLU N   H    sing N N 103 
GLU N   H2   sing N N 104 
GLU CA  C    sing N N 105 
GLU CA  CB   sing N N 106 
GLU CA  HA   sing N N 107 
GLU C   O    doub N N 108 
GLU C   OXT  sing N N 109 
GLU CB  CG   sing N N 110 
GLU CB  HB2  sing N N 111 
GLU CB  HB3  sing N N 112 
GLU CG  CD   sing N N 113 
GLU CG  HG2  sing N N 114 
GLU CG  HG3  sing N N 115 
GLU CD  OE1  doub N N 116 
GLU CD  OE2  sing N N 117 
GLU OE2 HE2  sing N N 118 
GLU OXT HXT  sing N N 119 
GLY N   CA   sing N N 120 
GLY N   H    sing N N 121 
GLY N   H2   sing N N 122 
GLY CA  C    sing N N 123 
GLY CA  HA2  sing N N 124 
GLY CA  HA3  sing N N 125 
GLY C   O    doub N N 126 
GLY C   OXT  sing N N 127 
GLY OXT HXT  sing N N 128 
HOH O   H1   sing N N 129 
HOH O   H2   sing N N 130 
ILE N   CA   sing N N 131 
ILE N   H    sing N N 132 
ILE N   H2   sing N N 133 
ILE CA  C    sing N N 134 
ILE CA  CB   sing N N 135 
ILE CA  HA   sing N N 136 
ILE C   O    doub N N 137 
ILE C   OXT  sing N N 138 
ILE CB  CG1  sing N N 139 
ILE CB  CG2  sing N N 140 
ILE CB  HB   sing N N 141 
ILE CG1 CD1  sing N N 142 
ILE CG1 HG12 sing N N 143 
ILE CG1 HG13 sing N N 144 
ILE CG2 HG21 sing N N 145 
ILE CG2 HG22 sing N N 146 
ILE CG2 HG23 sing N N 147 
ILE CD1 HD11 sing N N 148 
ILE CD1 HD12 sing N N 149 
ILE CD1 HD13 sing N N 150 
ILE OXT HXT  sing N N 151 
LEU N   CA   sing N N 152 
LEU N   H    sing N N 153 
LEU N   H2   sing N N 154 
LEU CA  C    sing N N 155 
LEU CA  CB   sing N N 156 
LEU CA  HA   sing N N 157 
LEU C   O    doub N N 158 
LEU C   OXT  sing N N 159 
LEU CB  CG   sing N N 160 
LEU CB  HB2  sing N N 161 
LEU CB  HB3  sing N N 162 
LEU CG  CD1  sing N N 163 
LEU CG  CD2  sing N N 164 
LEU CG  HG   sing N N 165 
LEU CD1 HD11 sing N N 166 
LEU CD1 HD12 sing N N 167 
LEU CD1 HD13 sing N N 168 
LEU CD2 HD21 sing N N 169 
LEU CD2 HD22 sing N N 170 
LEU CD2 HD23 sing N N 171 
LEU OXT HXT  sing N N 172 
LYS N   CA   sing N N 173 
LYS N   H    sing N N 174 
LYS N   H2   sing N N 175 
LYS CA  C    sing N N 176 
LYS CA  CB   sing N N 177 
LYS CA  HA   sing N N 178 
LYS C   O    doub N N 179 
LYS C   OXT  sing N N 180 
LYS CB  CG   sing N N 181 
LYS CB  HB2  sing N N 182 
LYS CB  HB3  sing N N 183 
LYS CG  CD   sing N N 184 
LYS CG  HG2  sing N N 185 
LYS CG  HG3  sing N N 186 
LYS CD  CE   sing N N 187 
LYS CD  HD2  sing N N 188 
LYS CD  HD3  sing N N 189 
LYS CE  NZ   sing N N 190 
LYS CE  HE2  sing N N 191 
LYS CE  HE3  sing N N 192 
LYS NZ  HZ1  sing N N 193 
LYS NZ  HZ2  sing N N 194 
LYS NZ  HZ3  sing N N 195 
LYS OXT HXT  sing N N 196 
MET N   CA   sing N N 197 
MET N   H    sing N N 198 
MET N   H2   sing N N 199 
MET CA  C    sing N N 200 
MET CA  CB   sing N N 201 
MET CA  HA   sing N N 202 
MET C   O    doub N N 203 
MET C   OXT  sing N N 204 
MET CB  CG   sing N N 205 
MET CB  HB2  sing N N 206 
MET CB  HB3  sing N N 207 
MET CG  SD   sing N N 208 
MET CG  HG2  sing N N 209 
MET CG  HG3  sing N N 210 
MET SD  CE   sing N N 211 
MET CE  HE1  sing N N 212 
MET CE  HE2  sing N N 213 
MET CE  HE3  sing N N 214 
MET OXT HXT  sing N N 215 
PHE N   CA   sing N N 216 
PHE N   H    sing N N 217 
PHE N   H2   sing N N 218 
PHE CA  C    sing N N 219 
PHE CA  CB   sing N N 220 
PHE CA  HA   sing N N 221 
PHE C   O    doub N N 222 
PHE C   OXT  sing N N 223 
PHE CB  CG   sing N N 224 
PHE CB  HB2  sing N N 225 
PHE CB  HB3  sing N N 226 
PHE CG  CD1  doub Y N 227 
PHE CG  CD2  sing Y N 228 
PHE CD1 CE1  sing Y N 229 
PHE CD1 HD1  sing N N 230 
PHE CD2 CE2  doub Y N 231 
PHE CD2 HD2  sing N N 232 
PHE CE1 CZ   doub Y N 233 
PHE CE1 HE1  sing N N 234 
PHE CE2 CZ   sing Y N 235 
PHE CE2 HE2  sing N N 236 
PHE CZ  HZ   sing N N 237 
PHE OXT HXT  sing N N 238 
PRO N   CA   sing N N 239 
PRO N   CD   sing N N 240 
PRO N   H    sing N N 241 
PRO CA  C    sing N N 242 
PRO CA  CB   sing N N 243 
PRO CA  HA   sing N N 244 
PRO C   O    doub N N 245 
PRO C   OXT  sing N N 246 
PRO CB  CG   sing N N 247 
PRO CB  HB2  sing N N 248 
PRO CB  HB3  sing N N 249 
PRO CG  CD   sing N N 250 
PRO CG  HG2  sing N N 251 
PRO CG  HG3  sing N N 252 
PRO CD  HD2  sing N N 253 
PRO CD  HD3  sing N N 254 
PRO OXT HXT  sing N N 255 
SER N   CA   sing N N 256 
SER N   H    sing N N 257 
SER N   H2   sing N N 258 
SER CA  C    sing N N 259 
SER CA  CB   sing N N 260 
SER CA  HA   sing N N 261 
SER C   O    doub N N 262 
SER C   OXT  sing N N 263 
SER CB  OG   sing N N 264 
SER CB  HB2  sing N N 265 
SER CB  HB3  sing N N 266 
SER OG  HG   sing N N 267 
SER OXT HXT  sing N N 268 
THR N   CA   sing N N 269 
THR N   H    sing N N 270 
THR N   H2   sing N N 271 
THR CA  C    sing N N 272 
THR CA  CB   sing N N 273 
THR CA  HA   sing N N 274 
THR C   O    doub N N 275 
THR C   OXT  sing N N 276 
THR CB  OG1  sing N N 277 
THR CB  CG2  sing N N 278 
THR CB  HB   sing N N 279 
THR OG1 HG1  sing N N 280 
THR CG2 HG21 sing N N 281 
THR CG2 HG22 sing N N 282 
THR CG2 HG23 sing N N 283 
THR OXT HXT  sing N N 284 
TYR N   CA   sing N N 285 
TYR N   H    sing N N 286 
TYR N   H2   sing N N 287 
TYR CA  C    sing N N 288 
TYR CA  CB   sing N N 289 
TYR CA  HA   sing N N 290 
TYR C   O    doub N N 291 
TYR C   OXT  sing N N 292 
TYR CB  CG   sing N N 293 
TYR CB  HB2  sing N N 294 
TYR CB  HB3  sing N N 295 
TYR CG  CD1  doub Y N 296 
TYR CG  CD2  sing Y N 297 
TYR CD1 CE1  sing Y N 298 
TYR CD1 HD1  sing N N 299 
TYR CD2 CE2  doub Y N 300 
TYR CD2 HD2  sing N N 301 
TYR CE1 CZ   doub Y N 302 
TYR CE1 HE1  sing N N 303 
TYR CE2 CZ   sing Y N 304 
TYR CE2 HE2  sing N N 305 
TYR CZ  OH   sing N N 306 
TYR OH  HH   sing N N 307 
TYR OXT HXT  sing N N 308 
VAL N   CA   sing N N 309 
VAL N   H    sing N N 310 
VAL N   H2   sing N N 311 
VAL CA  C    sing N N 312 
VAL CA  CB   sing N N 313 
VAL CA  HA   sing N N 314 
VAL C   O    doub N N 315 
VAL C   OXT  sing N N 316 
VAL CB  CG1  sing N N 317 
VAL CB  CG2  sing N N 318 
VAL CB  HB   sing N N 319 
VAL CG1 HG11 sing N N 320 
VAL CG1 HG12 sing N N 321 
VAL CG1 HG13 sing N N 322 
VAL CG2 HG21 sing N N 323 
VAL CG2 HG22 sing N N 324 
VAL CG2 HG23 sing N N 325 
VAL OXT HXT  sing N N 326 
# 
loop_
_pdbx_audit_support.funding_organization 
_pdbx_audit_support.country 
_pdbx_audit_support.grant_number 
_pdbx_audit_support.ordinal 
'Swiss National Science Foundation' Switzerland 31003A_166608       1 
SystemsX.ch                         Switzerland RTD-TubeX           2 
'Marie Curie'                       Switzerland 'COFUND fellowship' 3 
# 
_pdbx_initial_refinement_model.id               1 
_pdbx_initial_refinement_model.entity_id_list   ? 
_pdbx_initial_refinement_model.type             'experimental model' 
_pdbx_initial_refinement_model.source_name      PDB 
_pdbx_initial_refinement_model.accession_code   6FC5 
_pdbx_initial_refinement_model.details          'Bik1 CAP-Gly domain (PDB ID: 6FC5)' 
# 
_atom_sites.entry_id                    6FC6 
_atom_sites.fract_transf_matrix[1][1]   0.00507463 
_atom_sites.fract_transf_matrix[1][2]   0.00036048 
_atom_sites.fract_transf_matrix[1][3]   0.01796245 
_atom_sites.fract_transf_matrix[2][1]   0.01490350 
_atom_sites.fract_transf_matrix[2][2]   0.01033921 
_atom_sites.fract_transf_matrix[2][3]   -0.00441793 
_atom_sites.fract_transf_matrix[3][1]   -0.00866600 
_atom_sites.fract_transf_matrix[3][2]   0.01342269 
_atom_sites.fract_transf_matrix[3][3]   0.00217888 
_atom_sites.fract_transf_vector[1]      -0.294632 
_atom_sites.fract_transf_vector[2]      0.174594 
_atom_sites.fract_transf_vector[3]      -0.030140 
# 
loop_
_atom_type.symbol 
C 
N 
O 
S 
# 
loop_
_atom_site.group_PDB 
_atom_site.id 
_atom_site.type_symbol 
_atom_site.label_atom_id 
_atom_site.label_alt_id 
_atom_site.label_comp_id 
_atom_site.label_asym_id 
_atom_site.label_entity_id 
_atom_site.label_seq_id 
_atom_site.pdbx_PDB_ins_code 
_atom_site.Cartn_x 
_atom_site.Cartn_y 
_atom_site.Cartn_z 
_atom_site.occupancy 
_atom_site.B_iso_or_equiv 
_atom_site.pdbx_formal_charge 
_atom_site.auth_seq_id 
_atom_site.auth_comp_id 
_atom_site.auth_asym_id 
_atom_site.auth_atom_id 
_atom_site.pdbx_PDB_model_num 
ATOM   1   N N   . GLY A 1 1  ? 7.204   -13.038 12.304  1.00 45.13 ? -1  GLY A N   1 
ATOM   2   C CA  . GLY A 1 1  ? 7.999   -12.185 11.384  1.00 41.42 ? -1  GLY A CA  1 
ATOM   3   C C   . GLY A 1 1  ? 7.683   -10.698 11.569  1.00 38.36 ? -1  GLY A C   1 
ATOM   4   O O   . GLY A 1 1  ? 6.614   -10.317 12.057  1.00 33.15 ? -1  GLY A O   1 
ATOM   5   N N   . PRO A 1 2  ? 8.613   -9.845  11.160  1.00 45.56 ? 0   PRO A N   1 
ATOM   6   C CA  . PRO A 1 2  ? 8.435   -8.396  11.288  1.00 43.62 ? 0   PRO A CA  1 
ATOM   7   C C   . PRO A 1 2  ? 7.220   -7.856  10.510  1.00 37.72 ? 0   PRO A C   1 
ATOM   8   O O   . PRO A 1 2  ? 6.621   -6.905  10.980  1.00 35.16 ? 0   PRO A O   1 
ATOM   9   C CB  . PRO A 1 2  ? 9.712   -7.835  10.717  1.00 45.95 ? 0   PRO A CB  1 
ATOM   10  C CG  . PRO A 1 2  ? 10.435  -8.971  10.085  1.00 48.62 ? 0   PRO A CG  1 
ATOM   11  C CD  . PRO A 1 2  ? 9.966   -10.208 10.709  1.00 49.99 ? 0   PRO A CD  1 
ATOM   12  N N   . MET A 1 3  ? 6.855   -8.460  9.370   1.00 34.14 ? 1   MET A N   1 
ATOM   13  C CA  . MET A 1 3  ? 5.686   -7.949  8.619   1.00 32.94 ? 1   MET A CA  1 
ATOM   14  C C   . MET A 1 3  ? 4.353   -8.381  9.179   1.00 30.65 ? 1   MET A C   1 
ATOM   15  O O   . MET A 1 3  ? 3.331   -7.828  8.757   1.00 26.73 ? 1   MET A O   1 
ATOM   16  C CB  . MET A 1 3  ? 5.696   -8.423  7.139   1.00 34.05 ? 1   MET A CB  1 
ATOM   17  C CG  . MET A 1 3  ? 6.811   -7.953  6.287   1.00 35.59 ? 1   MET A CG  1 
ATOM   18  S SD  . MET A 1 3  ? 6.947   -6.190  6.344   1.00 39.50 ? 1   MET A SD  1 
ATOM   19  C CE  . MET A 1 3  ? 8.110   -5.923  7.707   1.00 42.71 ? 1   MET A CE  1 
ATOM   20  N N   . ASP A 1 4  ? 4.331   -9.381  10.079  1.00 28.07 ? 2   ASP A N   1 
ATOM   21  C CA  . ASP A 1 4  ? 3.064   -9.916  10.555  1.00 31.16 ? 2   ASP A CA  1 
ATOM   22  C C   . ASP A 1 4  ? 2.137   -8.873  11.176  1.00 29.74 ? 2   ASP A C   1 
ATOM   23  O O   . ASP A 1 4  ? 0.909   -8.904  10.935  1.00 30.21 ? 2   ASP A O   1 
ATOM   24  C CB  . ASP A 1 4  ? 3.282   -11.000 11.623  1.00 35.16 ? 2   ASP A CB  1 
ATOM   25  C CG  . ASP A 1 4  ? 4.070   -12.227 11.108  1.00 43.58 ? 2   ASP A CG  1 
ATOM   26  O OD1 . ASP A 1 4  ? 4.503   -12.298 9.920   1.00 48.79 ? 2   ASP A OD1 1 
ATOM   27  O OD2 . ASP A 1 4  ? 4.251   -13.114 11.955  1.00 54.52 ? 2   ASP A OD2 1 
ATOM   28  N N   . ARG A 1 5  ? 2.688   -7.957  11.972  1.00 28.91 ? 3   ARG A N   1 
ATOM   29  C CA  . ARG A 1 5  ? 1.797   -6.964  12.671  1.00 30.72 ? 3   ARG A CA  1 
ATOM   30  C C   . ARG A 1 5  ? 1.084   -6.031  11.631  1.00 30.25 ? 3   ARG A C   1 
ATOM   31  O O   . ARG A 1 5  ? -0.066  -5.663  11.799  1.00 31.01 ? 3   ARG A O   1 
ATOM   32  C CB  . ARG A 1 5  ? 2.558   -6.154  13.690  1.00 29.07 ? 3   ARG A CB  1 
ATOM   33  C CG  . ARG A 1 5  ? 3.675   -5.279  13.143  1.00 35.26 ? 3   ARG A CG  1 
ATOM   34  C CD  . ARG A 1 5  ? 4.219   -4.264  14.138  1.00 34.51 ? 3   ARG A CD  1 
ATOM   35  N NE  . ARG A 1 5  ? 4.803   -4.909  15.282  1.00 41.28 ? 3   ARG A NE  1 
ATOM   36  C CZ  . ARG A 1 5  ? 4.222   -5.015  16.472  1.00 42.94 ? 3   ARG A CZ  1 
ATOM   37  N NH1 . ARG A 1 5  ? 3.029   -4.464  16.723  1.00 46.83 ? 3   ARG A NH1 1 
ATOM   38  N NH2 . ARG A 1 5  ? 4.858   -5.658  17.422  1.00 45.31 ? 3   ARG A NH2 1 
ATOM   39  N N   . TYR A 1 6  ? 1.786   -5.742  10.547  1.00 24.46 ? 4   TYR A N   1 
ATOM   40  C CA  . TYR A 1 6  ? 1.215   -4.947  9.462   1.00 24.89 ? 4   TYR A CA  1 
ATOM   41  C C   . TYR A 1 6  ? 0.252   -5.746  8.580   1.00 27.80 ? 4   TYR A C   1 
ATOM   42  O O   . TYR A 1 6  ? -0.807  -5.233  8.132   1.00 27.62 ? 4   TYR A O   1 
ATOM   43  C CB  . TYR A 1 6  ? 2.342   -4.375  8.616   1.00 23.24 ? 4   TYR A CB  1 
ATOM   44  C CG  . TYR A 1 6  ? 3.347   -3.663  9.408   1.00 22.66 ? 4   TYR A CG  1 
ATOM   45  C CD1 . TYR A 1 6  ? 2.981   -2.515  10.113  1.00 23.99 ? 4   TYR A CD1 1 
ATOM   46  C CD2 . TYR A 1 6  ? 4.611   -4.170  9.593   1.00 26.14 ? 4   TYR A CD2 1 
ATOM   47  C CE1 . TYR A 1 6  ? 3.873   -1.839  10.927  1.00 24.66 ? 4   TYR A CE1 1 
ATOM   48  C CE2 . TYR A 1 6  ? 5.523   -3.500  10.416  1.00 28.37 ? 4   TYR A CE2 1 
ATOM   49  C CZ  . TYR A 1 6  ? 5.142   -2.355  11.077  1.00 27.71 ? 4   TYR A CZ  1 
ATOM   50  O OH  . TYR A 1 6  ? 6.039   -1.706  11.905  1.00 28.00 ? 4   TYR A OH  1 
ATOM   51  N N   . GLN A 1 7  ? 0.591   -7.001  8.343   1.00 27.72 ? 5   GLN A N   1 
ATOM   52  C CA  . GLN A 1 7  ? -0.306  -7.915  7.590   1.00 30.49 ? 5   GLN A CA  1 
ATOM   53  C C   . GLN A 1 7  ? -1.641  -8.151  8.236   1.00 32.88 ? 5   GLN A C   1 
ATOM   54  O O   . GLN A 1 7  ? -2.670  -8.245  7.548   1.00 31.63 ? 5   GLN A O   1 
ATOM   55  C CB  . GLN A 1 7  ? 0.400   -9.217  7.249   1.00 31.46 ? 5   GLN A CB  1 
ATOM   56  C CG  . GLN A 1 7  ? 1.286   -8.968  6.058   1.00 38.11 ? 5   GLN A CG  1 
ATOM   57  C CD  . GLN A 1 7  ? 2.263   -10.068 5.814   1.00 41.40 ? 5   GLN A CD  1 
ATOM   58  O OE1 . GLN A 1 7  ? 2.324   -11.004 6.576   1.00 41.96 ? 5   GLN A OE1 1 
ATOM   59  N NE2 . GLN A 1 7  ? 3.064   -9.939  4.748   1.00 38.20 ? 5   GLN A NE2 1 
ATOM   60  N N   . ARG A 1 8  ? -1.658  -8.126  9.554   1.00 31.72 ? 6   ARG A N   1 
ATOM   61  C CA  . ARG A 1 8  ? -2.917  -8.245  10.283  1.00 31.98 ? 6   ARG A CA  1 
ATOM   62  C C   . ARG A 1 8  ? -3.837  -7.087  10.100  1.00 30.12 ? 6   ARG A C   1 
ATOM   63  O O   . ARG A 1 8  ? -4.974  -7.172  10.487  1.00 29.22 ? 6   ARG A O   1 
ATOM   64  C CB  . ARG A 1 8  ? -2.662  -8.423  11.811  1.00 36.87 ? 6   ARG A CB  1 
ATOM   65  C CG  . ARG A 1 8  ? -2.079  -9.791  12.154  1.00 43.33 ? 6   ARG A CG  1 
ATOM   66  C CD  . ARG A 1 8  ? -2.116  -10.044 13.676  1.00 50.01 ? 6   ARG A CD  1 
ATOM   67  N NE  . ARG A 1 8  ? -1.031  -9.343  14.391  1.00 49.60 ? 6   ARG A NE  1 
ATOM   68  C CZ  . ARG A 1 8  ? 0.207   -9.839  14.585  1.00 50.31 ? 6   ARG A CZ  1 
ATOM   69  N NH1 . ARG A 1 8  ? 1.096   -9.144  15.259  1.00 52.92 ? 6   ARG A NH1 1 
ATOM   70  N NH2 . ARG A 1 8  ? 0.578   -11.026 14.115  1.00 50.83 ? 6   ARG A NH2 1 
ATOM   71  N N   . LYS A 1 9  ? -3.346  -5.973  9.569   1.00 26.89 ? 7   LYS A N   1 
ATOM   72  C CA  . LYS A 1 9  ? -4.166  -4.794  9.394   1.00 27.73 ? 7   LYS A CA  1 
ATOM   73  C C   . LYS A 1 9  ? -4.635  -4.589  7.967   1.00 27.85 ? 7   LYS A C   1 
ATOM   74  O O   . LYS A 1 9  ? -5.223  -3.530  7.673   1.00 27.47 ? 7   LYS A O   1 
ATOM   75  C CB  . LYS A 1 9  ? -3.363  -3.563  9.846   1.00 32.52 ? 7   LYS A CB  1 
ATOM   76  C CG  . LYS A 1 9  ? -2.957  -3.576  11.319  1.00 33.41 ? 7   LYS A CG  1 
ATOM   77  C CD  . LYS A 1 9  ? -4.152  -3.332  12.200  1.00 37.95 ? 7   LYS A CD  1 
ATOM   78  C CE  . LYS A 1 9  ? -3.723  -3.209  13.645  1.00 40.71 ? 7   LYS A CE  1 
ATOM   79  N NZ  . LYS A 1 9  ? -3.073  -1.908  13.947  1.00 48.31 ? 7   LYS A NZ  1 
ATOM   80  N N   . ILE A 1 10 ? -4.384  -5.565  7.079   1.00 23.78 ? 8   ILE A N   1 
ATOM   81  C CA  . ILE A 1 10 ? -4.871  -5.484  5.721   1.00 26.33 ? 8   ILE A CA  1 
ATOM   82  C C   . ILE A 1 10 ? -6.378  -5.328  5.702   1.00 28.33 ? 8   ILE A C   1 
ATOM   83  O O   . ILE A 1 10 ? -7.103  -6.090  6.325   1.00 31.13 ? 8   ILE A O   1 
ATOM   84  C CB  . ILE A 1 10 ? -4.328  -6.639  4.843   1.00 26.76 ? 8   ILE A CB  1 
ATOM   85  C CG1 . ILE A 1 10 ? -2.912  -6.260  4.398   1.00 27.73 ? 8   ILE A CG1 1 
ATOM   86  C CG2 . ILE A 1 10 ? -5.234  -6.883  3.648   1.00 29.61 ? 8   ILE A CG2 1 
ATOM   87  C CD1 . ILE A 1 10 ? -2.103  -7.356  3.895   1.00 32.92 ? 8   ILE A CD1 1 
ATOM   88  N N   . GLY A 1 11 ? -6.857  -4.356  4.945   1.00 27.94 ? 9   GLY A N   1 
ATOM   89  C CA  . GLY A 1 11 ? -8.304  -4.017  4.923   1.00 28.35 ? 9   GLY A CA  1 
ATOM   90  C C   . GLY A 1 11 ? -8.636  -2.775  5.752   1.00 27.40 ? 9   GLY A C   1 
ATOM   91  O O   . GLY A 1 11 ? -9.643  -2.154  5.524   1.00 31.02 ? 9   GLY A O   1 
ATOM   92  N N   . CYS A 1 12 ? -7.751  -2.364  6.642   1.00 27.65 ? 10  CYS A N   1 
ATOM   93  C CA  . CYS A 1 12 ? -7.899  -1.096  7.329   1.00 33.24 ? 10  CYS A CA  1 
ATOM   94  C C   . CYS A 1 12 ? -7.602  0.125   6.496   1.00 33.11 ? 10  CYS A C   1 
ATOM   95  O O   . CYS A 1 12 ? -6.990  0.039   5.466   1.00 27.72 ? 10  CYS A O   1 
ATOM   96  C CB  . CYS A 1 12 ? -7.024  -1.016  8.599   1.00 36.77 ? 10  CYS A CB  1 
ATOM   97  S SG  . CYS A 1 12 ? -5.263  -0.548  8.299   1.00 55.28 ? 10  CYS A SG  1 
ATOM   98  N N   . PHE A 1 13 ? -8.020  1.275   7.028   1.00 29.80 ? 11  PHE A N   1 
ATOM   99  C CA  . PHE A 1 13 ? -7.793  2.559   6.424   1.00 29.01 ? 11  PHE A CA  1 
ATOM   100 C C   . PHE A 1 13 ? -6.795  3.358   7.187   1.00 27.71 ? 11  PHE A C   1 
ATOM   101 O O   . PHE A 1 13 ? -6.809  3.355   8.385   1.00 33.27 ? 11  PHE A O   1 
ATOM   102 C CB  . PHE A 1 13 ? -9.120  3.318   6.299   1.00 29.58 ? 11  PHE A CB  1 
ATOM   103 C CG  . PHE A 1 13 ? -10.072 2.672   5.318   1.00 31.53 ? 11  PHE A CG  1 
ATOM   104 C CD1 . PHE A 1 13 ? -10.862 1.627   5.692   1.00 32.54 ? 11  PHE A CD1 1 
ATOM   105 C CD2 . PHE A 1 13 ? -10.115 3.107   3.986   1.00 32.54 ? 11  PHE A CD2 1 
ATOM   106 C CE1 . PHE A 1 13 ? -11.705 1.034   4.777   1.00 36.05 ? 11  PHE A CE1 1 
ATOM   107 C CE2 . PHE A 1 13 ? -10.978 2.538   3.088   1.00 34.17 ? 11  PHE A CE2 1 
ATOM   108 C CZ  . PHE A 1 13 ? -11.732 1.463   3.467   1.00 33.33 ? 11  PHE A CZ  1 
ATOM   109 N N   . ILE A 1 14 ? -5.916  4.046   6.482   1.00 30.36 ? 12  ILE A N   1 
ATOM   110 C CA  . ILE A 1 14 ? -4.928  4.924   7.080   1.00 30.37 ? 12  ILE A CA  1 
ATOM   111 C C   . ILE A 1 14 ? -5.000  6.286   6.402   1.00 35.03 ? 12  ILE A C   1 
ATOM   112 O O   . ILE A 1 14 ? -5.444  6.393   5.267   1.00 35.53 ? 12  ILE A O   1 
ATOM   113 C CB  . ILE A 1 14 ? -3.500  4.398   6.987   1.00 31.79 ? 12  ILE A CB  1 
ATOM   114 C CG1 . ILE A 1 14 ? -3.081  4.042   5.544   1.00 34.48 ? 12  ILE A CG1 1 
ATOM   115 C CG2 . ILE A 1 14 ? -3.301  3.200   7.892   1.00 36.48 ? 12  ILE A CG2 1 
ATOM   116 C CD1 . ILE A 1 14 ? -1.612  3.698   5.441   1.00 32.62 ? 12  ILE A CD1 1 
ATOM   117 N N   . GLN A 1 15 ? -4.521  7.310   7.086   1.00 37.73 ? 13  GLN A N   1 
ATOM   118 C CA  . GLN A 1 15 ? -4.648  8.680   6.609   1.00 41.12 ? 13  GLN A CA  1 
ATOM   119 C C   . GLN A 1 15 ? -3.258  9.057   6.264   1.00 38.80 ? 13  GLN A C   1 
ATOM   120 O O   . GLN A 1 15 ? -2.467  9.342   7.122   1.00 42.03 ? 13  GLN A O   1 
ATOM   121 C CB  . GLN A 1 15 ? -5.245  9.619   7.668   1.00 47.72 ? 13  GLN A CB  1 
ATOM   122 C CG  . GLN A 1 15 ? -5.713  10.950  7.089   1.00 54.73 ? 13  GLN A CG  1 
ATOM   123 C CD  . GLN A 1 15 ? -7.055  10.817  6.361   1.00 59.80 ? 13  GLN A CD  1 
ATOM   124 O OE1 . GLN A 1 15 ? -7.990  10.165  6.857   1.00 63.10 ? 13  GLN A OE1 1 
ATOM   125 N NE2 . GLN A 1 15 ? -7.156  11.432  5.195   1.00 61.05 ? 13  GLN A NE2 1 
ATOM   126 N N   . ILE A 1 16 ? -2.924  8.981   4.993   1.00 37.58 ? 14  ILE A N   1 
ATOM   127 C CA  . ILE A 1 16 ? -1.563  9.166   4.572   1.00 44.45 ? 14  ILE A CA  1 
ATOM   128 C C   . ILE A 1 16 ? -1.371  10.668  4.365   1.00 51.01 ? 14  ILE A C   1 
ATOM   129 O O   . ILE A 1 16 ? -2.092  11.255  3.582   1.00 50.70 ? 14  ILE A O   1 
ATOM   130 C CB  . ILE A 1 16 ? -1.266  8.440   3.275   1.00 43.80 ? 14  ILE A CB  1 
ATOM   131 C CG1 . ILE A 1 16 ? -1.542  6.940   3.461   1.00 45.62 ? 14  ILE A CG1 1 
ATOM   132 C CG2 . ILE A 1 16 ? 0.178   8.642   2.859   1.00 46.46 ? 14  ILE A CG2 1 
ATOM   133 C CD1 . ILE A 1 16 ? -1.997  6.272   2.190   1.00 45.03 ? 14  ILE A CD1 1 
ATOM   134 N N   . PRO A 1 17 ? -0.404  11.270  5.074   1.00 54.81 ? 15  PRO A N   1 
ATOM   135 C CA  . PRO A 1 17 ? -0.163  12.704  4.935   1.00 60.30 ? 15  PRO A CA  1 
ATOM   136 C C   . PRO A 1 17 ? 0.184   13.038  3.498   1.00 57.50 ? 15  PRO A C   1 
ATOM   137 O O   . PRO A 1 17 ? 0.960   12.315  2.883   1.00 58.13 ? 15  PRO A O   1 
ATOM   138 C CB  . PRO A 1 17 ? 1.056   12.947  5.843   1.00 60.53 ? 15  PRO A CB  1 
ATOM   139 C CG  . PRO A 1 17 ? 1.748   11.624  5.913   1.00 62.01 ? 15  PRO A CG  1 
ATOM   140 C CD  . PRO A 1 17 ? 0.637   10.610  5.895   1.00 57.82 ? 15  PRO A CD  1 
ATOM   141 N N   . ASN A 1 18 ? -0.458  14.084  2.980   1.00 65.77 ? 16  ASN A N   1 
ATOM   142 C CA  . ASN A 1 18 ? -0.245  14.625  1.626   1.00 66.47 ? 16  ASN A CA  1 
ATOM   143 C C   . ASN A 1 18 ? -0.850  13.787  0.526   1.00 63.68 ? 16  ASN A C   1 
ATOM   144 O O   . ASN A 1 18 ? -0.641  14.081  -0.638  1.00 67.21 ? 16  ASN A O   1 
ATOM   145 C CB  . ASN A 1 18 ? 1.244   14.898  1.321   1.00 70.10 ? 16  ASN A CB  1 
ATOM   146 C CG  . ASN A 1 18 ? 1.878   15.887  2.306   1.00 80.29 ? 16  ASN A CG  1 
ATOM   147 O OD1 . ASN A 1 18 ? 1.216   16.819  2.800   1.00 84.75 ? 16  ASN A OD1 1 
ATOM   148 N ND2 . ASN A 1 18 ? 3.169   15.690  2.599   1.00 77.67 ? 16  ASN A ND2 1 
ATOM   149 N N   . LEU A 1 19 ? -1.589  12.741  0.882   1.00 57.59 ? 17  LEU A N   1 
ATOM   150 C CA  . LEU A 1 19 ? -2.230  11.910  -0.113  1.00 48.19 ? 17  LEU A CA  1 
ATOM   151 C C   . LEU A 1 19 ? -3.679  11.781  0.151   1.00 42.13 ? 17  LEU A C   1 
ATOM   152 O O   . LEU A 1 19 ? -4.474  12.079  -0.682  1.00 54.02 ? 17  LEU A O   1 
ATOM   153 C CB  . LEU A 1 19 ? -1.559  10.534  -0.172  1.00 48.62 ? 17  LEU A CB  1 
ATOM   154 C CG  . LEU A 1 19 ? -1.304  10.018  -1.605  1.00 49.72 ? 17  LEU A CG  1 
ATOM   155 C CD1 . LEU A 1 19 ? -1.020  11.068  -2.658  1.00 52.16 ? 17  LEU A CD1 1 
ATOM   156 C CD2 . LEU A 1 19 ? -0.161  9.030   -1.597  1.00 49.93 ? 17  LEU A CD2 1 
ATOM   157 N N   . GLY A 1 20 ? -4.047  11.363  1.341   1.00 38.09 ? 18  GLY A N   1 
ATOM   158 C CA  . GLY A 1 20 ? -5.435  11.179  1.686   1.00 38.95 ? 18  GLY A CA  1 
ATOM   159 C C   . GLY A 1 20 ? -5.648  9.829   2.376   1.00 35.89 ? 18  GLY A C   1 
ATOM   160 O O   . GLY A 1 20 ? -4.709  9.156   2.771   1.00 36.28 ? 18  GLY A O   1 
ATOM   161 N N   . ARG A 1 21 ? -6.905  9.476   2.548   1.00 33.38 ? 19  ARG A N   1 
ATOM   162 C CA  . ARG A 1 21 ? -7.309  8.210   3.116   1.00 34.96 ? 19  ARG A CA  1 
ATOM   163 C C   . ARG A 1 21 ? -6.990  7.083   2.111   1.00 32.65 ? 19  ARG A C   1 
ATOM   164 O O   . ARG A 1 21 ? -7.296  7.199   0.942   1.00 30.81 ? 19  ARG A O   1 
ATOM   165 C CB  . ARG A 1 21 ? -8.766  8.266   3.413   1.00 37.62 ? 19  ARG A CB  1 
ATOM   166 C CG  . ARG A 1 21 ? -9.337  7.110   4.202   1.00 48.61 ? 19  ARG A CG  1 
ATOM   167 C CD  . ARG A 1 21 ? -10.804 7.442   4.504   1.00 56.70 ? 19  ARG A CD  1 
ATOM   168 N NE  . ARG A 1 21 ? -11.369 6.678   5.611   1.00 62.26 ? 19  ARG A NE  1 
ATOM   169 C CZ  . ARG A 1 21 ? -12.387 5.818   5.526   1.00 68.69 ? 19  ARG A CZ  1 
ATOM   170 N NH1 . ARG A 1 21 ? -12.998 5.566   4.366   1.00 68.51 ? 19  ARG A NH1 1 
ATOM   171 N NH2 . ARG A 1 21 ? -12.800 5.184   6.635   1.00 73.53 ? 19  ARG A NH2 1 
ATOM   172 N N   . GLY A 1 22 ? -6.341  6.018   2.576   1.00 28.49 ? 20  GLY A N   1 
ATOM   173 C CA  . GLY A 1 22 ? -6.118  4.851   1.736   1.00 30.07 ? 20  GLY A CA  1 
ATOM   174 C C   . GLY A 1 22 ? -6.396  3.540   2.461   1.00 25.82 ? 20  GLY A C   1 
ATOM   175 O O   . GLY A 1 22 ? -6.179  3.455   3.666   1.00 27.59 ? 20  GLY A O   1 
ATOM   176 N N   . GLN A 1 23 ? -6.889  2.547   1.732   1.00 23.28 ? 21  GLN A N   1 
ATOM   177 C CA  . GLN A 1 23 ? -7.096  1.234   2.303   1.00 22.09 ? 21  GLN A CA  1 
ATOM   178 C C   . GLN A 1 23 ? -5.817  0.377   2.097   1.00 22.33 ? 21  GLN A C   1 
ATOM   179 O O   . GLN A 1 23 ? -5.329  0.231   0.988   1.00 19.35 ? 21  GLN A O   1 
ATOM   180 C CB  . GLN A 1 23 ? -8.295  0.550   1.680   1.00 23.63 ? 21  GLN A CB  1 
ATOM   181 C CG  . GLN A 1 23 ? -8.711  -0.689  2.458   1.00 24.99 ? 21  GLN A CG  1 
ATOM   182 C CD  . GLN A 1 23 ? -9.869  -1.423  1.850   1.00 31.34 ? 21  GLN A CD  1 
ATOM   183 O OE1 . GLN A 1 23 ? -10.100 -1.317  0.691   1.00 32.51 ? 21  GLN A OE1 1 
ATOM   184 N NE2 . GLN A 1 23 ? -10.604 -2.154  2.662   1.00 29.90 ? 21  GLN A NE2 1 
ATOM   185 N N   . LEU A 1 24 ? -5.314  -0.201  3.176   1.00 21.78 ? 22  LEU A N   1 
ATOM   186 C CA  . LEU A 1 24 ? -4.138  -1.063  3.105   1.00 21.61 ? 22  LEU A CA  1 
ATOM   187 C C   . LEU A 1 24 ? -4.541  -2.412  2.451   1.00 20.78 ? 22  LEU A C   1 
ATOM   188 O O   . LEU A 1 24 ? -5.409  -3.114  2.940   1.00 23.31 ? 22  LEU A O   1 
ATOM   189 C CB  . LEU A 1 24 ? -3.571  -1.276  4.483   1.00 21.61 ? 22  LEU A CB  1 
ATOM   190 C CG  . LEU A 1 24 ? -2.340  -2.229  4.508   1.00 20.18 ? 22  LEU A CG  1 
ATOM   191 C CD1 . LEU A 1 24 ? -1.177  -1.529  3.829   1.00 19.69 ? 22  LEU A CD1 1 
ATOM   192 C CD2 . LEU A 1 24 ? -1.958  -2.610  5.953   1.00 22.17 ? 22  LEU A CD2 1 
ATOM   193 N N   . LYS A 1 25 ? -3.897  -2.751  1.361   1.00 19.12 ? 23  LYS A N   1 
ATOM   194 C CA  . LYS A 1 25 ? -4.227  -3.988  0.651   1.00 22.29 ? 23  LYS A CA  1 
ATOM   195 C C   . LYS A 1 25 ? -3.108  -5.041  0.532   1.00 21.12 ? 23  LYS A C   1 
ATOM   196 O O   . LYS A 1 25 ? -3.382  -6.164  0.124   1.00 20.57 ? 23  LYS A O   1 
ATOM   197 C CB  . LYS A 1 25 ? -4.823  -3.661  -0.715  1.00 23.28 ? 23  LYS A CB  1 
ATOM   198 C CG  . LYS A 1 25 ? -5.998  -2.718  -0.514  1.00 29.93 ? 23  LYS A CG  1 
ATOM   199 C CD  . LYS A 1 25 ? -7.022  -2.769  -1.582  1.00 36.64 ? 23  LYS A CD  1 
ATOM   200 C CE  . LYS A 1 25 ? -8.113  -3.706  -1.196  1.00 39.40 ? 23  LYS A CE  1 
ATOM   201 N NZ  . LYS A 1 25 ? -8.957  -3.851  -2.379  1.00 43.90 ? 23  LYS A NZ  1 
ATOM   202 N N   . TYR A 1 26 ? -1.876  -4.641  0.785   1.00 19.76 ? 24  TYR A N   1 
ATOM   203 C CA  . TYR A 1 26 ? -0.740  -5.533  0.594   1.00 20.24 ? 24  TYR A CA  1 
ATOM   204 C C   . TYR A 1 26 ? 0.378   -5.052  1.449   1.00 22.35 ? 24  TYR A C   1 
ATOM   205 O O   . TYR A 1 26 ? 0.570   -3.806  1.577   1.00 18.75 ? 24  TYR A O   1 
ATOM   206 C CB  . TYR A 1 26 ? -0.263  -5.516  -0.874  1.00 20.35 ? 24  TYR A CB  1 
ATOM   207 C CG  . TYR A 1 26 ? 0.995   -6.297  -1.098  1.00 20.14 ? 24  TYR A CG  1 
ATOM   208 C CD1 . TYR A 1 26 ? 0.996   -7.717  -1.130  1.00 19.54 ? 24  TYR A CD1 1 
ATOM   209 C CD2 . TYR A 1 26 ? 2.166   -5.666  -1.269  1.00 20.55 ? 24  TYR A CD2 1 
ATOM   210 C CE1 . TYR A 1 26 ? 2.167   -8.402  -1.320  1.00 20.53 ? 24  TYR A CE1 1 
ATOM   211 C CE2 . TYR A 1 26 ? 3.343   -6.379  -1.470  1.00 18.74 ? 24  TYR A CE2 1 
ATOM   212 C CZ  . TYR A 1 26 ? 3.316   -7.745  -1.494  1.00 20.46 ? 24  TYR A CZ  1 
ATOM   213 O OH  . TYR A 1 26 ? 4.545   -8.402  -1.726  1.00 24.57 ? 24  TYR A OH  1 
ATOM   214 N N   . VAL A 1 27 ? 1.130   -5.995  2.041   1.00 19.87 ? 25  VAL A N   1 
ATOM   215 C CA  . VAL A 1 27 ? 2.346   -5.634  2.700   1.00 19.87 ? 25  VAL A CA  1 
ATOM   216 C C   . VAL A 1 27 ? 3.426   -6.630  2.308   1.00 21.72 ? 25  VAL A C   1 
ATOM   217 O O   . VAL A 1 27 ? 3.262   -7.802  2.492   1.00 23.02 ? 25  VAL A O   1 
ATOM   218 C CB  . VAL A 1 27 ? 2.140   -5.619  4.254   1.00 23.04 ? 25  VAL A CB  1 
ATOM   219 C CG1 . VAL A 1 27 ? 3.493   -5.362  4.902   1.00 24.18 ? 25  VAL A CG1 1 
ATOM   220 C CG2 . VAL A 1 27 ? 1.176   -4.518  4.657   1.00 20.66 ? 25  VAL A CG2 1 
ATOM   221 N N   . GLY A 1 28 ? 4.538   -6.160  1.794   1.00 23.42 ? 26  GLY A N   1 
ATOM   222 C CA  . GLY A 1 28 ? 5.588   -7.064  1.409   1.00 25.25 ? 26  GLY A CA  1 
ATOM   223 C C   . GLY A 1 28 ? 6.559   -6.497  0.443   1.00 24.99 ? 26  GLY A C   1 
ATOM   224 O O   . GLY A 1 28 ? 6.526   -5.337  0.147   1.00 24.03 ? 26  GLY A O   1 
ATOM   225 N N   . PRO A 1 29 ? 7.475   -7.345  -0.065  1.00 27.29 ? 27  PRO A N   1 
ATOM   226 C CA  . PRO A 1 29 ? 8.398   -6.916  -1.074  1.00 26.44 ? 27  PRO A CA  1 
ATOM   227 C C   . PRO A 1 29 ? 7.689   -6.756  -2.452  1.00 24.80 ? 27  PRO A C   1 
ATOM   228 O O   . PRO A 1 29 ? 6.607   -7.312  -2.652  1.00 28.70 ? 27  PRO A O   1 
ATOM   229 C CB  . PRO A 1 29 ? 9.370   -8.087  -1.152  1.00 28.17 ? 27  PRO A CB  1 
ATOM   230 C CG  . PRO A 1 29 ? 8.572   -9.282  -0.712  1.00 29.72 ? 27  PRO A CG  1 
ATOM   231 C CD  . PRO A 1 29 ? 7.471   -8.810  0.127   1.00 28.25 ? 27  PRO A CD  1 
ATOM   232 N N   . VAL A 1 30 ? 8.342   -6.036  -3.332  1.00 26.47 ? 28  VAL A N   1 
ATOM   233 C CA  . VAL A 1 30 ? 7.908   -5.853  -4.704  1.00 29.83 ? 28  VAL A CA  1 
ATOM   234 C C   . VAL A 1 30 ? 9.059   -6.219  -5.579  1.00 33.60 ? 28  VAL A C   1 
ATOM   235 O O   . VAL A 1 30 ? 10.150  -5.665  -5.404  1.00 32.55 ? 28  VAL A O   1 
ATOM   236 C CB  . VAL A 1 30 ? 7.417   -4.412  -4.970  1.00 28.10 ? 28  VAL A CB  1 
ATOM   237 C CG1 . VAL A 1 30 ? 7.045   -4.256  -6.436  1.00 29.41 ? 28  VAL A CG1 1 
ATOM   238 C CG2 . VAL A 1 30 ? 6.201   -4.128  -4.072  1.00 26.95 ? 28  VAL A CG2 1 
ATOM   239 N N   . ASP A 1 31 ? 8.814   -7.105  -6.549  1.00 38.29 ? 29  ASP A N   1 
ATOM   240 C CA  . ASP A 1 31 ? 9.878   -7.558  -7.476  1.00 40.54 ? 29  ASP A CA  1 
ATOM   241 C C   . ASP A 1 31 ? 10.603  -6.400  -8.095  1.00 38.23 ? 29  ASP A C   1 
ATOM   242 O O   . ASP A 1 31 ? 10.017  -5.429  -8.566  1.00 40.23 ? 29  ASP A O   1 
ATOM   243 C CB  . ASP A 1 31 ? 9.343   -8.586  -8.495  1.00 41.31 ? 29  ASP A CB  1 
ATOM   244 C CG  . ASP A 1 31 ? 8.754   -9.892  -7.798  1.00 51.39 ? 29  ASP A CG  1 
ATOM   245 O OD1 . ASP A 1 31 ? 8.933   -10.119 -6.560  1.00 56.34 ? 29  ASP A OD1 1 
ATOM   246 O OD2 . ASP A 1 31 ? 8.080   -10.722 -8.477  1.00 47.36 ? 29  ASP A OD2 1 
ATOM   247 N N   . THR A 1 32 ? 11.944  -6.471  -8.014  1.00 55.67 ? 30  THR A N   1 
ATOM   248 C CA  . THR A 1 32 ? 12.870  -5.434  -8.552  1.00 54.24 ? 30  THR A CA  1 
ATOM   249 C C   . THR A 1 32 ? 13.043  -4.130  -7.763  1.00 54.34 ? 30  THR A C   1 
ATOM   250 O O   . THR A 1 32 ? 13.741  -3.204  -8.215  1.00 53.04 ? 30  THR A O   1 
ATOM   251 C CB  . THR A 1 32 ? 12.618  -5.073  -10.035 1.00 59.87 ? 30  THR A CB  1 
ATOM   252 O OG1 . THR A 1 32 ? 11.755  -3.914  -10.162 1.00 65.46 ? 30  THR A OG1 1 
ATOM   253 C CG2 . THR A 1 32 ? 12.105  -6.313  -10.806 1.00 65.41 ? 30  THR A CG2 1 
ATOM   254 N N   . LYS A 1 33 ? 12.439  -4.057  -6.578  1.00 46.31 ? 31  LYS A N   1 
ATOM   255 C CA  . LYS A 1 33 ? 12.521  -2.867  -5.732  1.00 36.87 ? 31  LYS A CA  1 
ATOM   256 C C   . LYS A 1 33 ? 13.142  -3.288  -4.435  1.00 30.10 ? 31  LYS A C   1 
ATOM   257 O O   . LYS A 1 33 ? 13.102  -4.462  -4.056  1.00 33.80 ? 31  LYS A O   1 
ATOM   258 C CB  . LYS A 1 33 ? 11.131  -2.310  -5.445  1.00 38.94 ? 31  LYS A CB  1 
ATOM   259 C CG  . LYS A 1 33 ? 10.303  -2.041  -6.696  1.00 41.52 ? 31  LYS A CG  1 
ATOM   260 C CD  . LYS A 1 33 ? 10.757  -0.753  -7.331  1.00 45.15 ? 31  LYS A CD  1 
ATOM   261 C CE  . LYS A 1 33 ? 9.776   -0.270  -8.395  1.00 55.12 ? 31  LYS A CE  1 
ATOM   262 N NZ  . LYS A 1 33 ? 10.041  1.086   -8.983  1.00 53.41 ? 31  LYS A NZ  1 
ATOM   263 N N   . ALA A 1 34 ? 13.703  -2.324  -3.724  1.00 32.09 ? 32  ALA A N   1 
ATOM   264 C CA  . ALA A 1 34 ? 14.406  -2.646  -2.433  1.00 35.34 ? 32  ALA A CA  1 
ATOM   265 C C   . ALA A 1 34 ? 13.483  -2.415  -1.270  1.00 28.98 ? 32  ALA A C   1 
ATOM   266 O O   . ALA A 1 34 ? 12.828  -1.373  -1.217  1.00 32.73 ? 32  ALA A O   1 
ATOM   267 C CB  . ALA A 1 34 ? 15.623  -1.766  -2.257  1.00 32.48 ? 32  ALA A CB  1 
ATOM   268 N N   . GLY A 1 35 ? 13.413  -3.354  -0.342  1.00 32.22 ? 33  GLY A N   1 
ATOM   269 C CA  . GLY A 1 35 ? 12.690  -3.093  0.932   1.00 32.84 ? 33  GLY A CA  1 
ATOM   270 C C   . GLY A 1 35 ? 11.249  -3.547  0.904   1.00 32.70 ? 33  GLY A C   1 
ATOM   271 O O   . GLY A 1 35 ? 10.799  -4.167  -0.049  1.00 31.64 ? 33  GLY A O   1 
ATOM   272 N N   . MET A 1 36 ? 10.520  -3.251  1.980   1.00 29.27 ? 34  MET A N   1 
ATOM   273 C CA  . MET A 1 36 ? 9.173   -3.678  2.134   1.00 27.11 ? 34  MET A CA  1 
ATOM   274 C C   . MET A 1 36 ? 8.272   -2.520  1.758   1.00 24.46 ? 34  MET A C   1 
ATOM   275 O O   . MET A 1 36 ? 8.642   -1.391  1.869   1.00 23.45 ? 34  MET A O   1 
ATOM   276 C CB  . MET A 1 36 ? 8.883   -4.157  3.576   1.00 31.35 ? 34  MET A CB  1 
ATOM   277 C CG  . MET A 1 36 ? 9.695   -5.389  4.016   1.00 32.90 ? 34  MET A CG  1 
ATOM   278 S SD  . MET A 1 36 ? 9.304   -6.792  2.967   1.00 37.47 ? 34  MET A SD  1 
ATOM   279 C CE  . MET A 1 36 ? 10.244  -8.223  3.520   1.00 50.00 ? 34  MET A CE  1 
ATOM   280 N N   . PHE A 1 37 ? 7.077   -2.843  1.283   1.00 23.07 ? 35  PHE A N   1 
ATOM   281 C CA  . PHE A 1 37 ? 6.138   -1.853  0.766   1.00 21.95 ? 35  PHE A CA  1 
ATOM   282 C C   . PHE A 1 37 ? 4.748   -2.089  1.314   1.00 21.88 ? 35  PHE A C   1 
ATOM   283 O O   . PHE A 1 37 ? 4.334   -3.204  1.566   1.00 19.47 ? 35  PHE A O   1 
ATOM   284 C CB  . PHE A 1 37 ? 6.076   -1.847  -0.754  1.00 23.32 ? 35  PHE A CB  1 
ATOM   285 C CG  . PHE A 1 37 ? 7.323   -1.319  -1.392  1.00 23.69 ? 35  PHE A CG  1 
ATOM   286 C CD1 . PHE A 1 37 ? 8.403   -2.162  -1.585  1.00 26.44 ? 35  PHE A CD1 1 
ATOM   287 C CD2 . PHE A 1 37 ? 7.450   0.003   -1.719  1.00 25.75 ? 35  PHE A CD2 1 
ATOM   288 C CE1 . PHE A 1 37 ? 9.587   -1.627  -2.136  1.00 26.66 ? 35  PHE A CE1 1 
ATOM   289 C CE2 . PHE A 1 37 ? 8.605   0.520   -2.263  1.00 27.10 ? 35  PHE A CE2 1 
ATOM   290 C CZ  . PHE A 1 37 ? 9.688   -0.305  -2.420  1.00 25.78 ? 35  PHE A CZ  1 
ATOM   291 N N   . ALA A 1 38 ? 4.000   -0.996  1.459   1.00 20.06 ? 36  ALA A N   1 
ATOM   292 C CA  . ALA A 1 38 ? 2.569   -1.106  1.685   1.00 20.50 ? 36  ALA A CA  1 
ATOM   293 C C   . ALA A 1 38 ? 1.925   -0.819  0.342   1.00 21.15 ? 36  ALA A C   1 
ATOM   294 O O   . ALA A 1 38 ? 2.243   0.190   -0.277  1.00 23.60 ? 36  ALA A O   1 
ATOM   295 C CB  . ALA A 1 38 ? 2.145   -0.080  2.688   1.00 21.05 ? 36  ALA A CB  1 
ATOM   296 N N   . GLY A 1 39 ? 1.022   -1.666  -0.096  1.00 19.83 ? 37  GLY A N   1 
ATOM   297 C CA  . GLY A 1 39 ? 0.200   -1.402  -1.241  1.00 19.28 ? 37  GLY A CA  1 
ATOM   298 C C   . GLY A 1 39 ? -1.127  -0.895  -0.711  1.00 19.41 ? 37  GLY A C   1 
ATOM   299 O O   . GLY A 1 39 ? -1.791  -1.573  0.099   1.00 20.02 ? 37  GLY A O   1 
ATOM   300 N N   . VAL A 1 40 ? -1.506  0.299   -1.164  1.00 20.05 ? 38  VAL A N   1 
ATOM   301 C CA  . VAL A 1 40 ? -2.742  0.913   -0.736  1.00 19.18 ? 38  VAL A CA  1 
ATOM   302 C C   . VAL A 1 40 ? -3.634  1.285   -1.896  1.00 18.46 ? 38  VAL A C   1 
ATOM   303 O O   . VAL A 1 40 ? -3.170  1.586   -2.967  1.00 19.28 ? 38  VAL A O   1 
ATOM   304 C CB  . VAL A 1 40 ? -2.510  2.171   0.138   1.00 22.73 ? 38  VAL A CB  1 
ATOM   305 C CG1 . VAL A 1 40 ? -1.563  1.931   1.279   1.00 22.79 ? 38  VAL A CG1 1 
ATOM   306 C CG2 . VAL A 1 40 ? -1.962  3.316   -0.664  1.00 25.98 ? 38  VAL A CG2 1 
ATOM   307 N N   . ASP A 1 41 ? -4.930  1.302   -1.663  1.00 18.30 ? 39  ASP A N   1 
ATOM   308 C CA  . ASP A 1 41 ? -5.845  1.737   -2.657  1.00 18.41 ? 39  ASP A CA  1 
ATOM   309 C C   . ASP A 1 41 ? -6.348  3.138   -2.170  1.00 21.52 ? 39  ASP A C   1 
ATOM   310 O O   . ASP A 1 41 ? -6.995  3.238   -1.119  1.00 21.12 ? 39  ASP A O   1 
ATOM   311 C CB  . ASP A 1 41 ? -7.000  0.784   -2.738  1.00 19.99 ? 39  ASP A CB  1 
ATOM   312 C CG  . ASP A 1 41 ? -7.985  1.150   -3.886  1.00 20.94 ? 39  ASP A CG  1 
ATOM   313 O OD1 . ASP A 1 41 ? -7.913  2.266   -4.390  1.00 22.32 ? 39  ASP A OD1 1 
ATOM   314 O OD2 . ASP A 1 41 ? -8.836  0.295   -4.282  1.00 24.12 ? 39  ASP A OD2 1 
ATOM   315 N N   . LEU A 1 42 ? -6.068  4.173   -2.935  1.00 20.97 ? 40  LEU A N   1 
ATOM   316 C CA  . LEU A 1 42 ? -6.474  5.556   -2.520  1.00 23.76 ? 40  LEU A CA  1 
ATOM   317 C C   . LEU A 1 42 ? -7.917  5.923   -2.930  1.00 23.90 ? 40  LEU A C   1 
ATOM   318 O O   . LEU A 1 42 ? -8.351  7.019   -2.672  1.00 27.60 ? 40  LEU A O   1 
ATOM   319 C CB  . LEU A 1 42 ? -5.510  6.553   -3.085  1.00 23.15 ? 40  LEU A CB  1 
ATOM   320 C CG  . LEU A 1 42 ? -4.075  6.331   -2.673  1.00 25.96 ? 40  LEU A CG  1 
ATOM   321 C CD1 . LEU A 1 42 ? -3.100  7.092   -3.507  1.00 30.19 ? 40  LEU A CD1 1 
ATOM   322 C CD2 . LEU A 1 42 ? -3.873  6.697   -1.214  1.00 29.37 ? 40  LEU A CD2 1 
ATOM   323 N N   . LEU A 1 43 ? -8.637  5.014   -3.568  1.00 22.62 ? 41  LEU A N   1 
ATOM   324 C CA  . LEU A 1 43 ? -10.046 5.173   -3.930  1.00 25.01 ? 41  LEU A CA  1 
ATOM   325 C C   . LEU A 1 43 ? -10.359 6.392   -4.794  1.00 24.33 ? 41  LEU A C   1 
ATOM   326 O O   . LEU A 1 43 ? -11.476 6.894   -4.790  1.00 23.07 ? 41  LEU A O   1 
ATOM   327 C CB  . LEU A 1 43 ? -10.891 5.235   -2.649  1.00 30.84 ? 41  LEU A CB  1 
ATOM   328 C CG  . LEU A 1 43 ? -10.618 4.110   -1.636  1.00 37.85 ? 41  LEU A CG  1 
ATOM   329 C CD1 . LEU A 1 43 ? -11.438 4.311   -0.370  1.00 40.57 ? 41  LEU A CD1 1 
ATOM   330 C CD2 . LEU A 1 43 ? -10.951 2.780   -2.264  1.00 37.10 ? 41  LEU A CD2 1 
ATOM   331 N N   . ALA A 1 44 ? -9.349  6.810   -5.542  1.00 23.04 ? 42  ALA A N   1 
ATOM   332 C CA  . ALA A 1 44 ? -9.366  7.814   -6.532  1.00 25.65 ? 42  ALA A CA  1 
ATOM   333 C C   . ALA A 1 44 ? -8.083  7.670   -7.338  1.00 24.60 ? 42  ALA A C   1 
ATOM   334 O O   . ALA A 1 44 ? -7.086  7.076   -6.876  1.00 24.07 ? 42  ALA A O   1 
ATOM   335 C CB  . ALA A 1 44 ? -9.433  9.204   -5.892  1.00 26.20 ? 42  ALA A CB  1 
ATOM   336 N N   . ASN A 1 45 ? -8.080  8.254   -8.540  1.00 21.46 ? 43  ASN A N   1 
ATOM   337 C CA  . ASN A 1 45 ? -6.932  8.144   -9.403  1.00 21.68 ? 43  ASN A CA  1 
ATOM   338 C C   . ASN A 1 45 ? -5.768  9.058   -9.079  1.00 22.70 ? 43  ASN A C   1 
ATOM   339 O O   . ASN A 1 45 ? -5.241  9.709   -9.979  1.00 23.02 ? 43  ASN A O   1 
ATOM   340 C CB  . ASN A 1 45 ? -7.348  8.308   -10.842 1.00 22.05 ? 43  ASN A CB  1 
ATOM   341 C CG  . ASN A 1 45 ? -8.196  7.174   -11.328 1.00 22.24 ? 43  ASN A CG  1 
ATOM   342 O OD1 . ASN A 1 45 ? -7.838  5.980   -11.157 1.00 20.39 ? 43  ASN A OD1 1 
ATOM   343 N ND2 . ASN A 1 45 ? -9.268  7.502   -11.991 1.00 20.19 ? 43  ASN A ND2 1 
ATOM   344 N N   . ILE A 1 46 ? -5.401  9.116   -7.804  1.00 23.44 ? 44  ILE A N   1 
ATOM   345 C CA  . ILE A 1 46 ? -4.256  9.889   -7.330  1.00 24.29 ? 44  ILE A CA  1 
ATOM   346 C C   . ILE A 1 46 ? -3.078  8.983   -6.957  1.00 25.57 ? 44  ILE A C   1 
ATOM   347 O O   . ILE A 1 46 ? -2.069  9.453   -6.394  1.00 27.19 ? 44  ILE A O   1 
ATOM   348 C CB  . ILE A 1 46 ? -4.637  10.782  -6.149  1.00 25.15 ? 44  ILE A CB  1 
ATOM   349 C CG1 . ILE A 1 46 ? -5.326  9.969   -5.045  1.00 27.73 ? 44  ILE A CG1 1 
ATOM   350 C CG2 . ILE A 1 46 ? -5.612  11.871  -6.658  1.00 26.62 ? 44  ILE A CG2 1 
ATOM   351 C CD1 . ILE A 1 46 ? -5.416  10.679  -3.724  1.00 29.41 ? 44  ILE A CD1 1 
ATOM   352 N N   . GLY A 1 47 ? -3.195  7.712   -7.291  1.00 23.81 ? 45  GLY A N   1 
ATOM   353 C CA  . GLY A 1 47 ? -2.091  6.757   -7.186  1.00 22.60 ? 45  GLY A CA  1 
ATOM   354 C C   . GLY A 1 47 ? -1.370  6.605   -8.491  1.00 24.60 ? 45  GLY A C   1 
ATOM   355 O O   . GLY A 1 47 ? -1.372  7.492   -9.286  1.00 24.53 ? 45  GLY A O   1 
ATOM   356 N N   . LYS A 1 48 ? -0.731  5.485   -8.714  1.00 23.83 ? 46  LYS A N   1 
ATOM   357 C CA  . LYS A 1 48 ? 0.089   5.236   -9.877  1.00 24.22 ? 46  LYS A CA  1 
ATOM   358 C C   . LYS A 1 48 ? -0.223  3.983   -10.624 1.00 26.62 ? 46  LYS A C   1 
ATOM   359 O O   . LYS A 1 48 ? 0.341   3.792   -11.700 1.00 30.26 ? 46  LYS A O   1 
ATOM   360 C CB  . LYS A 1 48 ? 1.578   5.185   -9.456  1.00 26.52 ? 46  LYS A CB  1 
ATOM   361 C CG  . LYS A 1 48 ? 2.060   6.561   -9.064  1.00 29.86 ? 46  LYS A CG  1 
ATOM   362 C CD  . LYS A 1 48 ? 3.550   6.622   -8.815  1.00 34.44 ? 46  LYS A CD  1 
ATOM   363 C CE  . LYS A 1 48 ? 3.999   8.065   -8.527  1.00 36.95 ? 46  LYS A CE  1 
ATOM   364 N NZ  . LYS A 1 48 ? 5.452   7.998   -8.157  1.00 43.24 ? 46  LYS A NZ  1 
ATOM   365 N N   . ASN A 1 49 ? -1.053  3.073   -10.081 1.00 23.38 ? 47  ASN A N   1 
ATOM   366 C CA  . ASN A 1 49 ? -1.207  1.764   -10.689 1.00 20.51 ? 47  ASN A CA  1 
ATOM   367 C C   . ASN A 1 49 ? -2.523  1.141   -10.328 1.00 19.47 ? 47  ASN A C   1 
ATOM   368 O O   . ASN A 1 49 ? -3.278  1.669   -9.525  1.00 20.26 ? 47  ASN A O   1 
ATOM   369 C CB  . ASN A 1 49 ? -0.001  0.832   -10.233 1.00 21.94 ? 47  ASN A CB  1 
ATOM   370 C CG  . ASN A 1 49 ? -0.017  0.553   -8.727  1.00 24.52 ? 47  ASN A CG  1 
ATOM   371 O OD1 . ASN A 1 49 ? -1.028  0.096   -8.163  1.00 22.86 ? 47  ASN A OD1 1 
ATOM   372 N ND2 . ASN A 1 49 ? 1.063   0.900   -8.059  1.00 27.05 ? 47  ASN A ND2 1 
ATOM   373 N N   . ASP A 1 50 ? -2.787  -0.018  -10.942 1.00 18.44 ? 48  ASP A N   1 
ATOM   374 C CA  . ASP A 1 50 ? -3.985  -0.810  -10.707 1.00 20.09 ? 48  ASP A CA  1 
ATOM   375 C C   . ASP A 1 50 ? -3.728  -2.008  -9.801  1.00 20.15 ? 48  ASP A C   1 
ATOM   376 O O   . ASP A 1 50 ? -4.458  -3.004  -9.838  1.00 21.32 ? 48  ASP A O   1 
ATOM   377 C CB  . ASP A 1 50 ? -4.519  -1.323  -12.057 1.00 23.20 ? 48  ASP A CB  1 
ATOM   378 C CG  . ASP A 1 50 ? -3.554  -2.326  -12.729 1.00 28.65 ? 48  ASP A CG  1 
ATOM   379 O OD1 . ASP A 1 50 ? -2.345  -2.448  -12.341 1.00 27.92 ? 48  ASP A OD1 1 
ATOM   380 O OD2 . ASP A 1 50 ? -3.981  -2.974  -13.683 1.00 40.20 ? 48  ASP A OD2 1 
ATOM   381 N N   . GLY A 1 51 ? -2.698  -1.936  -8.956  1.00 18.56 ? 49  GLY A N   1 
ATOM   382 C CA  . GLY A 1 51 ? -2.404  -2.961  -8.044  1.00 19.41 ? 49  GLY A CA  1 
ATOM   383 C C   . GLY A 1 51 ? -1.467  -4.052  -8.572  1.00 20.41 ? 49  GLY A C   1 
ATOM   384 O O   . GLY A 1 51 ? -1.148  -5.007  -7.845  1.00 18.52 ? 49  GLY A O   1 
ATOM   385 N N   . SER A 1 52 ? -1.022  -3.914  -9.822  1.00 19.78 ? 50  SER A N   1 
ATOM   386 C CA  . SER A 1 52 ? -0.091  -4.809  -10.411 1.00 21.87 ? 50  SER A CA  1 
ATOM   387 C C   . SER A 1 52 ? 1.241   -4.095  -10.704 1.00 24.46 ? 50  SER A C   1 
ATOM   388 O O   . SER A 1 52 ? 1.277   -2.885  -10.757 1.00 23.05 ? 50  SER A O   1 
ATOM   389 C CB  . SER A 1 52 ? -0.687  -5.401  -11.681 1.00 21.98 ? 50  SER A CB  1 
ATOM   390 O OG  . SER A 1 52 ? -0.502  -4.482  -12.744 1.00 29.54 ? 50  SER A OG  1 
ATOM   391 N N   . PHE A 1 53 ? 2.333   -4.845  -10.813 1.00 22.96 ? 51  PHE A N   1 
ATOM   392 C CA  . PHE A 1 53 ? 3.636   -4.253  -11.140 1.00 25.38 ? 51  PHE A CA  1 
ATOM   393 C C   . PHE A 1 53 ? 4.347   -5.343  -11.911 1.00 24.94 ? 51  PHE A C   1 
ATOM   394 O O   . PHE A 1 53 ? 4.388   -6.489  -11.481 1.00 19.84 ? 51  PHE A O   1 
ATOM   395 C CB  . PHE A 1 53 ? 4.449   -3.847  -9.901  1.00 26.06 ? 51  PHE A CB  1 
ATOM   396 C CG  . PHE A 1 53 ? 5.777   -3.232  -10.223 1.00 29.00 ? 51  PHE A CG  1 
ATOM   397 C CD1 . PHE A 1 53 ? 5.854   -1.954  -10.712 1.00 30.92 ? 51  PHE A CD1 1 
ATOM   398 C CD2 . PHE A 1 53 ? 6.945   -3.964  -10.077 1.00 32.72 ? 51  PHE A CD2 1 
ATOM   399 C CE1 . PHE A 1 53 ? 7.066   -1.412  -11.110 1.00 34.96 ? 51  PHE A CE1 1 
ATOM   400 C CE2 . PHE A 1 53 ? 8.163   -3.416  -10.426 1.00 35.18 ? 51  PHE A CE2 1 
ATOM   401 C CZ  . PHE A 1 53 ? 8.216   -2.153  -10.968 1.00 34.43 ? 51  PHE A CZ  1 
ATOM   402 N N   . MET A 1 54 ? 4.926   -4.961  -13.039 1.00 26.63 ? 52  MET A N   1 
ATOM   403 C CA  . MET A 1 54 ? 5.639   -5.914  -13.945 1.00 31.74 ? 52  MET A CA  1 
ATOM   404 C C   . MET A 1 54 ? 4.834   -7.108  -14.329 1.00 29.48 ? 52  MET A C   1 
ATOM   405 O O   . MET A 1 54 ? 5.339   -8.206  -14.340 1.00 31.46 ? 52  MET A O   1 
ATOM   406 C CB  . MET A 1 54 ? 6.938   -6.402  -13.312 1.00 34.05 ? 52  MET A CB  1 
ATOM   407 C CG  . MET A 1 54 ? 8.090   -5.464  -13.543 1.00 48.32 ? 52  MET A CG  1 
ATOM   408 S SD  . MET A 1 54 ? 9.571   -6.400  -13.858 1.00 52.07 ? 52  MET A SD  1 
ATOM   409 C CE  . MET A 1 54 ? 9.588   -7.608  -12.536 1.00 57.45 ? 52  MET A CE  1 
ATOM   410 N N   . GLY A 1 55 ? 3.557   -6.919  -14.588 1.00 32.65 ? 53  GLY A N   1 
ATOM   411 C CA  . GLY A 1 55 ? 2.726   -8.035  -14.941 1.00 35.79 ? 53  GLY A CA  1 
ATOM   412 C C   . GLY A 1 55 ? 2.248   -8.924  -13.816 1.00 35.97 ? 53  GLY A C   1 
ATOM   413 O O   . GLY A 1 55 ? 1.421   -9.803  -14.097 1.00 47.03 ? 53  GLY A O   1 
ATOM   414 N N   . LYS A 1 56 ? 2.687   -8.702  -12.568 1.00 27.85 ? 54  LYS A N   1 
ATOM   415 C CA  . LYS A 1 56 ? 2.136   -9.460  -11.451 1.00 23.71 ? 54  LYS A CA  1 
ATOM   416 C C   . LYS A 1 56 ? 1.117   -8.678  -10.635 1.00 21.48 ? 54  LYS A C   1 
ATOM   417 O O   . LYS A 1 56 ? 1.339   -7.533  -10.328 1.00 18.50 ? 54  LYS A O   1 
ATOM   418 C CB  . LYS A 1 56 ? 3.274   -9.820  -10.580 1.00 27.45 ? 54  LYS A CB  1 
ATOM   419 C CG  . LYS A 1 56 ? 2.915   -10.648 -9.366  1.00 33.42 ? 54  LYS A CG  1 
ATOM   420 C CD  . LYS A 1 56 ? 4.142   -10.854 -8.454  1.00 36.28 ? 54  LYS A CD  1 
ATOM   421 C CE  . LYS A 1 56 ? 3.924   -12.022 -7.486  1.00 42.05 ? 54  LYS A CE  1 
ATOM   422 N NZ  . LYS A 1 56 ? 4.976   -12.018 -6.430  1.00 52.62 ? 54  LYS A NZ  1 
ATOM   423 N N   . LYS A 1 57 ? 0.031   -9.339  -10.245 1.00 22.31 ? 55  LYS A N   1 
ATOM   424 C CA  . LYS A 1 57 ? -0.973  -8.714  -9.384  1.00 26.50 ? 55  LYS A CA  1 
ATOM   425 C C   . LYS A 1 57 ? -0.550  -8.805  -7.934  1.00 22.89 ? 55  LYS A C   1 
ATOM   426 O O   . LYS A 1 57 ? -0.319  -9.928  -7.446  1.00 22.90 ? 55  LYS A O   1 
ATOM   427 C CB  . LYS A 1 57 ? -2.299  -9.416  -9.543  1.00 29.27 ? 55  LYS A CB  1 
ATOM   428 C CG  . LYS A 1 57 ? -2.825  -9.331  -10.947 1.00 38.05 ? 55  LYS A CG  1 
ATOM   429 C CD  . LYS A 1 57 ? -4.335  -9.312  -11.026 1.00 46.27 ? 55  LYS A CD  1 
ATOM   430 C CE  . LYS A 1 57 ? -4.926  -10.662 -10.812 1.00 52.15 ? 55  LYS A CE  1 
ATOM   431 N NZ  . LYS A 1 57 ? -6.401  -10.503 -11.062 1.00 57.49 ? 55  LYS A NZ  1 
ATOM   432 N N   . TYR A 1 58 ? -0.449  -7.663  -7.268  1.00 19.26 ? 56  TYR A N   1 
ATOM   433 C CA  . TYR A 1 58 ? -0.230  -7.596  -5.842  1.00 19.36 ? 56  TYR A CA  1 
ATOM   434 C C   . TYR A 1 58 ? -1.524  -7.422  -5.065  1.00 20.66 ? 56  TYR A C   1 
ATOM   435 O O   . TYR A 1 58 ? -1.701  -8.003  -3.991  1.00 20.12 ? 56  TYR A O   1 
ATOM   436 C CB  . TYR A 1 58 ? 0.774   -6.478  -5.542  1.00 20.51 ? 56  TYR A CB  1 
ATOM   437 C CG  . TYR A 1 58 ? 2.178   -6.812  -6.014  1.00 20.73 ? 56  TYR A CG  1 
ATOM   438 C CD1 . TYR A 1 58 ? 2.576   -6.627  -7.311  1.00 19.75 ? 56  TYR A CD1 1 
ATOM   439 C CD2 . TYR A 1 58 ? 3.105   -7.352  -5.131  1.00 25.09 ? 56  TYR A CD2 1 
ATOM   440 C CE1 . TYR A 1 58 ? 3.836   -6.980  -7.732  1.00 19.35 ? 56  TYR A CE1 1 
ATOM   441 C CE2 . TYR A 1 58 ? 4.362   -7.744  -5.553  1.00 23.96 ? 56  TYR A CE2 1 
ATOM   442 C CZ  . TYR A 1 58 ? 4.732   -7.534  -6.847  1.00 22.46 ? 56  TYR A CZ  1 
ATOM   443 O OH  . TYR A 1 58 ? 6.011   -7.869  -7.261  1.00 21.33 ? 56  TYR A OH  1 
ATOM   444 N N   . PHE A 1 59 ? -2.410  -6.571  -5.574  1.00 18.79 ? 57  PHE A N   1 
ATOM   445 C CA  . PHE A 1 59 ? -3.708  -6.367  -4.964  1.00 20.18 ? 57  PHE A CA  1 
ATOM   446 C C   . PHE A 1 59 ? -4.706  -5.768  -5.955  1.00 19.61 ? 57  PHE A C   1 
ATOM   447 O O   . PHE A 1 59 ? -4.368  -5.384  -7.038  1.00 21.27 ? 57  PHE A O   1 
ATOM   448 C CB  . PHE A 1 59 ? -3.592  -5.435  -3.760  1.00 18.22 ? 57  PHE A CB  1 
ATOM   449 C CG  . PHE A 1 59 ? -2.995  -4.069  -4.095  1.00 18.28 ? 57  PHE A CG  1 
ATOM   450 C CD1 . PHE A 1 59 ? -1.634  -3.876  -4.069  1.00 17.77 ? 57  PHE A CD1 1 
ATOM   451 C CD2 . PHE A 1 59 ? -3.796  -2.994  -4.226  1.00 20.50 ? 57  PHE A CD2 1 
ATOM   452 C CE1 . PHE A 1 59 ? -1.075  -2.658  -4.280  1.00 20.48 ? 57  PHE A CE1 1 
ATOM   453 C CE2 . PHE A 1 59 ? -3.255  -1.738  -4.451  1.00 19.52 ? 57  PHE A CE2 1 
ATOM   454 C CZ  . PHE A 1 59 ? -1.885  -1.556  -4.483  1.00 19.36 ? 57  PHE A CZ  1 
ATOM   455 N N   . GLN A 1 60 ? -5.912  -5.646  -5.496  1.00 19.92 ? 58  GLN A N   1 
ATOM   456 C CA  . GLN A 1 60 ? -6.998  -5.125  -6.296  1.00 26.25 ? 58  GLN A CA  1 
ATOM   457 C C   . GLN A 1 60 ? -7.243  -3.623  -5.981  1.00 22.26 ? 58  GLN A C   1 
ATOM   458 O O   . GLN A 1 60 ? -7.250  -3.219  -4.811  1.00 20.95 ? 58  GLN A O   1 
ATOM   459 C CB  . GLN A 1 60 ? -8.273  -5.895  -5.950  1.00 28.50 ? 58  GLN A CB  1 
ATOM   460 C CG  . GLN A 1 60 ? -9.432  -5.546  -6.847  1.00 34.55 ? 58  GLN A CG  1 
ATOM   461 C CD  . GLN A 1 60 ? -10.601 -6.452  -6.611  1.00 42.89 ? 58  GLN A CD  1 
ATOM   462 O OE1 . GLN A 1 60 ? -10.727 -7.074  -5.564  1.00 45.24 ? 58  GLN A OE1 1 
ATOM   463 N NE2 . GLN A 1 60 ? -11.459 -6.564  -7.611  1.00 53.93 ? 58  GLN A NE2 1 
ATOM   464 N N   . THR A 1 61 ? -7.463  -2.857  -7.031  1.00 21.68 ? 59  THR A N   1 
ATOM   465 C CA  . THR A 1 61 ? -7.800  -1.423  -6.828  1.00 22.53 ? 59  THR A CA  1 
ATOM   466 C C   . THR A 1 61 ? -9.208  -1.176  -7.418  1.00 21.27 ? 59  THR A C   1 
ATOM   467 O O   . THR A 1 61 ? -9.621  -1.845  -8.388  1.00 20.06 ? 59  THR A O   1 
ATOM   468 C CB  . THR A 1 61 ? -6.792  -0.481  -7.492  1.00 19.70 ? 59  THR A CB  1 
ATOM   469 O OG1 . THR A 1 61 ? -6.875  -0.652  -8.904  1.00 21.77 ? 59  THR A OG1 1 
ATOM   470 C CG2 . THR A 1 61 ? -5.438  -0.764  -7.037  1.00 21.33 ? 59  THR A CG2 1 
ATOM   471 N N   . GLU A 1 62 ? -9.874  -0.202  -6.869  1.00 19.93 ? 60  GLU A N   1 
ATOM   472 C CA  . GLU A 1 62 ? -11.186 0.207   -7.340  1.00 23.04 ? 60  GLU A CA  1 
ATOM   473 C C   . GLU A 1 62 ? -11.119 0.860   -8.728  1.00 21.82 ? 60  GLU A C   1 
ATOM   474 O O   . GLU A 1 62 ? -11.972 0.628   -9.557  1.00 21.91 ? 60  GLU A O   1 
ATOM   475 C CB  . GLU A 1 62 ? -11.767 1.190   -6.311  1.00 29.66 ? 60  GLU A CB  1 
ATOM   476 C CG  . GLU A 1 62 ? -13.292 1.303   -6.323  1.00 46.97 ? 60  GLU A CG  1 
ATOM   477 C CD  . GLU A 1 62 ? -13.960 -0.087  -6.083  1.00 48.86 ? 60  GLU A CD  1 
ATOM   478 O OE1 . GLU A 1 62 ? -13.396 -0.886  -5.296  1.00 54.06 ? 60  GLU A OE1 1 
ATOM   479 O OE2 . GLU A 1 62 ? -14.958 -0.427  -6.750  1.00 62.76 ? 60  GLU A OE2 1 
ATOM   480 N N   . TYR A 1 63 ? -10.091 1.650   -8.961  1.00 19.08 ? 61  TYR A N   1 
ATOM   481 C CA  . TYR A 1 63 ? -9.876  2.384   -10.192 1.00 20.12 ? 61  TYR A CA  1 
ATOM   482 C C   . TYR A 1 63 ? -8.504  2.162   -10.812 1.00 19.53 ? 61  TYR A C   1 
ATOM   483 O O   . TYR A 1 63 ? -7.615  1.669   -10.140 1.00 20.03 ? 61  TYR A O   1 
ATOM   484 C CB  . TYR A 1 63 ? -10.116 3.910   -9.978  1.00 19.89 ? 61  TYR A CB  1 
ATOM   485 C CG  . TYR A 1 63 ? -11.462 4.185   -9.312  1.00 20.80 ? 61  TYR A CG  1 
ATOM   486 C CD1 . TYR A 1 63 ? -12.660 3.980   -10.020 1.00 21.36 ? 61  TYR A CD1 1 
ATOM   487 C CD2 . TYR A 1 63 ? -11.516 4.576   -7.985  1.00 22.54 ? 61  TYR A CD2 1 
ATOM   488 C CE1 . TYR A 1 63 ? -13.887 4.239   -9.445  1.00 22.89 ? 61  TYR A CE1 1 
ATOM   489 C CE2 . TYR A 1 63 ? -12.745 4.826   -7.343  1.00 22.76 ? 61  TYR A CE2 1 
ATOM   490 C CZ  . TYR A 1 63 ? -13.914 4.630   -8.077  1.00 24.43 ? 61  TYR A CZ  1 
ATOM   491 O OH  . TYR A 1 63 ? -15.083 4.836   -7.483  1.00 31.90 ? 61  TYR A OH  1 
ATOM   492 N N   . PRO A 1 64 ? -8.352  2.478   -12.101 1.00 20.58 ? 62  PRO A N   1 
ATOM   493 C CA  . PRO A 1 64 ? -7.112  2.086   -12.814 1.00 20.21 ? 62  PRO A CA  1 
ATOM   494 C C   . PRO A 1 64 ? -5.850  2.681   -12.296 1.00 20.17 ? 62  PRO A C   1 
ATOM   495 O O   . PRO A 1 64 ? -4.812  2.067   -12.457 1.00 19.70 ? 62  PRO A O   1 
ATOM   496 C CB  . PRO A 1 64 ? -7.346  2.531   -14.272 1.00 21.63 ? 62  PRO A CB  1 
ATOM   497 C CG  . PRO A 1 64 ? -8.870  2.563   -14.410 1.00 22.78 ? 62  PRO A CG  1 
ATOM   498 C CD  . PRO A 1 64 ? -9.335  3.084   -13.039 1.00 20.59 ? 62  PRO A CD  1 
ATOM   499 N N   . GLN A 1 65 ? -5.920  3.844   -11.654 1.00 20.22 ? 63  GLN A N   1 
ATOM   500 C CA  . GLN A 1 65 ? -4.766  4.444   -11.027 1.00 21.22 ? 63  GLN A CA  1 
ATOM   501 C C   . GLN A 1 65 ? -4.915  4.757   -9.577  1.00 20.37 ? 63  GLN A C   1 
ATOM   502 O O   . GLN A 1 65 ? -4.266  5.704   -9.077  1.00 20.45 ? 63  GLN A O   1 
ATOM   503 C CB  . GLN A 1 65 ? -4.291  5.703   -11.832 1.00 24.07 ? 63  GLN A CB  1 
ATOM   504 C CG  . GLN A 1 65 ? -3.537  5.323   -13.133 1.00 30.91 ? 63  GLN A CG  1 
ATOM   505 C CD  . GLN A 1 65 ? -4.456  5.121   -14.338 1.00 41.44 ? 63  GLN A CD  1 
ATOM   506 O OE1 . GLN A 1 65 ? -4.301  4.176   -15.159 1.00 45.96 ? 63  GLN A OE1 1 
ATOM   507 N NE2 . GLN A 1 65 ? -5.410  6.021   -14.483 1.00 46.05 ? 63  GLN A NE2 1 
ATOM   508 N N   . SER A 1 66 ? -5.737  4.006   -8.845  1.00 18.03 ? 64  SER A N   1 
ATOM   509 C CA  . SER A 1 66 ? -5.899  4.293   -7.440  1.00 18.47 ? 64  SER A CA  1 
ATOM   510 C C   . SER A 1 66 ? -4.939  3.537   -6.549  1.00 19.70 ? 64  SER A C   1 
ATOM   511 O O   . SER A 1 66 ? -4.937  3.736   -5.335  1.00 19.66 ? 64  SER A O   1 
ATOM   512 C CB  . SER A 1 66 ? -7.345  4.042   -6.972  1.00 20.90 ? 64  SER A CB  1 
ATOM   513 O OG  . SER A 1 66 ? -7.703  2.686   -7.065  1.00 20.29 ? 64  SER A OG  1 
ATOM   514 N N   . GLY A 1 67 ? -4.140  2.665   -7.135  1.00 18.01 ? 65  GLY A N   1 
ATOM   515 C CA  . GLY A 1 67 ? -3.206  1.896   -6.320  1.00 18.46 ? 65  GLY A CA  1 
ATOM   516 C C   . GLY A 1 67 ? -1.863  2.574   -6.213  1.00 18.29 ? 65  GLY A C   1 
ATOM   517 O O   . GLY A 1 67 ? -1.446  3.294   -7.137  1.00 17.93 ? 65  GLY A O   1 
ATOM   518 N N   . LEU A 1 68 ? -1.209  2.395   -5.062  1.00 17.78 ? 66  LEU A N   1 
ATOM   519 C CA  . LEU A 1 68 ? 0.139   2.976   -4.854  1.00 17.09 ? 66  LEU A CA  1 
ATOM   520 C C   . LEU A 1 68 ? 0.986   2.096   -3.914  1.00 18.17 ? 66  LEU A C   1 
ATOM   521 O O   . LEU A 1 68 ? 0.456   1.560   -2.923  1.00 19.16 ? 66  LEU A O   1 
ATOM   522 C CB  . LEU A 1 68 ? -0.020  4.340   -4.222  1.00 18.68 ? 66  LEU A CB  1 
ATOM   523 C CG  . LEU A 1 68 ? 1.234   5.191   -4.056  1.00 22.06 ? 66  LEU A CG  1 
ATOM   524 C CD1 . LEU A 1 68 ? 1.731   5.637   -5.454  1.00 25.84 ? 66  LEU A CD1 1 
ATOM   525 C CD2 . LEU A 1 68 ? 0.937   6.386   -3.173  1.00 22.86 ? 66  LEU A CD2 1 
ATOM   526 N N   . PHE A 1 69 ? 2.248   1.886   -4.268  1.00 19.00 ? 67  PHE A N   1 
ATOM   527 C CA  . PHE A 1 69 ? 3.205   1.200   -3.416  1.00 19.71 ? 67  PHE A CA  1 
ATOM   528 C C   . PHE A 1 69 ? 3.953   2.266   -2.648  1.00 20.61 ? 67  PHE A C   1 
ATOM   529 O O   . PHE A 1 69 ? 4.541   3.123   -3.277  1.00 23.33 ? 67  PHE A O   1 
ATOM   530 C CB  . PHE A 1 69 ? 4.202   0.343   -4.175  1.00 19.90 ? 67  PHE A CB  1 
ATOM   531 C CG  . PHE A 1 69 ? 3.583   -0.851  -4.799  1.00 22.44 ? 67  PHE A CG  1 
ATOM   532 C CD1 . PHE A 1 69 ? 3.232   -1.959  -4.011  1.00 23.07 ? 67  PHE A CD1 1 
ATOM   533 C CD2 . PHE A 1 69 ? 3.312   -0.897  -6.166  1.00 24.43 ? 67  PHE A CD2 1 
ATOM   534 C CE1 . PHE A 1 69 ? 2.626   -3.072  -4.558  1.00 23.25 ? 67  PHE A CE1 1 
ATOM   535 C CE2 . PHE A 1 69 ? 2.684   -2.011  -6.714  1.00 26.62 ? 67  PHE A CE2 1 
ATOM   536 C CZ  . PHE A 1 69 ? 2.350   -3.117  -5.905  1.00 25.80 ? 67  PHE A CZ  1 
ATOM   537 N N   . ILE A 1 70 ? 3.966   2.201   -1.317  1.00 21.34 ? 68  ILE A N   1 
ATOM   538 C CA  . ILE A 1 70 ? 4.675   3.165   -0.479  1.00 22.61 ? 68  ILE A CA  1 
ATOM   539 C C   . ILE A 1 70 ? 5.671   2.401   0.372   1.00 22.15 ? 68  ILE A C   1 
ATOM   540 O O   . ILE A 1 70 ? 5.320   1.363   0.895   1.00 20.61 ? 68  ILE A O   1 
ATOM   541 C CB  . ILE A 1 70 ? 3.742   3.876   0.464   1.00 26.11 ? 68  ILE A CB  1 
ATOM   542 C CG1 . ILE A 1 70 ? 2.617   4.556   -0.323  1.00 31.02 ? 68  ILE A CG1 1 
ATOM   543 C CG2 . ILE A 1 70 ? 4.542   4.946   1.277   1.00 30.57 ? 68  ILE A CG2 1 
ATOM   544 C CD1 . ILE A 1 70 ? 1.497   5.108   0.553   1.00 31.24 ? 68  ILE A CD1 1 
ATOM   545 N N   . GLN A 1 71 ? 6.867   2.931   0.550   1.00 23.16 ? 69  GLN A N   1 
ATOM   546 C CA  . GLN A 1 71 ? 7.877   2.249   1.398   1.00 24.88 ? 69  GLN A CA  1 
ATOM   547 C C   . GLN A 1 71 ? 7.303   2.078   2.769   1.00 21.16 ? 69  GLN A C   1 
ATOM   548 O O   . GLN A 1 71 ? 6.719   3.022   3.334   1.00 23.39 ? 69  GLN A O   1 
ATOM   549 C CB  . GLN A 1 71 ? 9.126   3.082   1.502   1.00 29.54 ? 69  GLN A CB  1 
ATOM   550 C CG  . GLN A 1 71 ? 9.869   3.218   0.188   1.00 35.14 ? 69  GLN A CG  1 
ATOM   551 C CD  . GLN A 1 71 ? 11.188  3.956   0.406   1.00 46.14 ? 69  GLN A CD  1 
ATOM   552 O OE1 . GLN A 1 71 ? 11.309  4.782   1.305   1.00 57.69 ? 69  GLN A OE1 1 
ATOM   553 N NE2 . GLN A 1 71 ? 12.173  3.657   -0.410  1.00 51.04 ? 69  GLN A NE2 1 
ATOM   554 N N   . LEU A 1 72 ? 7.312   0.851   3.240   1.00 20.20 ? 70  LEU A N   1 
ATOM   555 C CA  . LEU A 1 72 ? 6.646   0.506   4.475   1.00 22.78 ? 70  LEU A CA  1 
ATOM   556 C C   . LEU A 1 72 ? 7.051   1.400   5.663   1.00 24.74 ? 70  LEU A C   1 
ATOM   557 O O   . LEU A 1 72 ? 6.213   1.727   6.506   1.00 23.38 ? 70  LEU A O   1 
ATOM   558 C CB  . LEU A 1 72 ? 6.861   -0.947  4.794   1.00 24.41 ? 70  LEU A CB  1 
ATOM   559 C CG  . LEU A 1 72 ? 6.278   -1.445  6.109   1.00 25.12 ? 70  LEU A CG  1 
ATOM   560 C CD1 . LEU A 1 72 ? 4.754   -1.332  6.110   1.00 24.80 ? 70  LEU A CD1 1 
ATOM   561 C CD2 . LEU A 1 72 ? 6.723   -2.876  6.368   1.00 25.81 ? 70  LEU A CD2 1 
ATOM   562 N N   . GLN A 1 73 ? 8.314   1.771   5.741   1.00 26.42 ? 71  GLN A N   1 
ATOM   563 C CA  . GLN A 1 73 ? 8.785   2.582   6.874   1.00 29.46 ? 71  GLN A CA  1 
ATOM   564 C C   . GLN A 1 73 ? 8.079   3.910   6.969   1.00 29.77 ? 71  GLN A C   1 
ATOM   565 O O   . GLN A 1 73 ? 7.916   4.463   8.077   1.00 29.62 ? 71  GLN A O   1 
ATOM   566 C CB  . GLN A 1 73 ? 10.307  2.750   6.865   1.00 34.87 ? 71  GLN A CB  1 
ATOM   567 C CG  . GLN A 1 73 ? 10.886  3.239   5.549   1.00 39.94 ? 71  GLN A CG  1 
ATOM   568 C CD  . GLN A 1 73 ? 11.244  2.089   4.593   1.00 50.32 ? 71  GLN A CD  1 
ATOM   569 O OE1 . GLN A 1 73 ? 10.685  0.963   4.629   1.00 43.37 ? 71  GLN A OE1 1 
ATOM   570 N NE2 . GLN A 1 73 ? 12.203  2.370   3.727   1.00 61.45 ? 71  GLN A NE2 1 
ATOM   571 N N   . LYS A 1 74 ? 7.631   4.445   5.821   1.00 28.44 ? 72  LYS A N   1 
ATOM   572 C CA  . LYS A 1 74 ? 6.917   5.712   5.813   1.00 29.16 ? 72  LYS A CA  1 
ATOM   573 C C   . LYS A 1 74 ? 5.550   5.657   6.408   1.00 26.98 ? 72  LYS A C   1 
ATOM   574 O O   . LYS A 1 74 ? 5.012   6.641   6.855   1.00 25.66 ? 72  LYS A O   1 
ATOM   575 C CB  . LYS A 1 74 ? 6.808   6.260   4.382   1.00 37.24 ? 72  LYS A CB  1 
ATOM   576 C CG  . LYS A 1 74 ? 8.163   6.598   3.780   1.00 40.51 ? 72  LYS A CG  1 
ATOM   577 C CD  . LYS A 1 74 ? 7.966   7.043   2.362   1.00 48.16 ? 72  LYS A CD  1 
ATOM   578 C CE  . LYS A 1 74 ? 9.293   7.196   1.637   1.00 61.65 ? 72  LYS A CE  1 
ATOM   579 N NZ  . LYS A 1 74 ? 9.088   7.447   0.170   1.00 67.09 ? 72  LYS A NZ  1 
ATOM   580 N N   . VAL A 1 75 ? 4.922   4.490   6.416   1.00 26.36 ? 73  VAL A N   1 
ATOM   581 C CA  . VAL A 1 75 ? 3.552   4.372   6.931   1.00 25.57 ? 73  VAL A CA  1 
ATOM   582 C C   . VAL A 1 75 ? 3.395   3.376   8.069   1.00 24.61 ? 73  VAL A C   1 
ATOM   583 O O   . VAL A 1 75 ? 2.291   3.146   8.510   1.00 22.71 ? 73  VAL A O   1 
ATOM   584 C CB  . VAL A 1 75 ? 2.545   4.071   5.787   1.00 26.21 ? 73  VAL A CB  1 
ATOM   585 C CG1 . VAL A 1 75 ? 2.464   5.266   4.858   1.00 28.41 ? 73  VAL A CG1 1 
ATOM   586 C CG2 . VAL A 1 75 ? 2.950   2.814   5.026   1.00 26.16 ? 73  VAL A CG2 1 
ATOM   587 N N   . ALA A 1 76 ? 4.483   2.796   8.548   1.00 27.80 ? 74  ALA A N   1 
ATOM   588 C CA  . ALA A 1 76 ? 4.366   1.747   9.575   1.00 25.91 ? 74  ALA A CA  1 
ATOM   589 C C   . ALA A 1 76 ? 3.635   2.220   10.824  1.00 24.81 ? 74  ALA A C   1 
ATOM   590 O O   . ALA A 1 76 ? 2.766   1.509   11.291  1.00 23.30 ? 74  ALA A O   1 
ATOM   591 C CB  . ALA A 1 76 ? 5.752   1.222   9.970   1.00 25.22 ? 74  ALA A CB  1 
ATOM   592 N N   . SER A 1 77 ? 3.959   3.411   11.349  1.00 23.69 ? 75  SER A N   1 
ATOM   593 C CA  . SER A 1 77 ? 3.251   3.868   12.552  1.00 26.98 ? 75  SER A CA  1 
ATOM   594 C C   . SER A 1 77 ? 1.772   4.138   12.284  1.00 28.49 ? 75  SER A C   1 
ATOM   595 O O   . SER A 1 77 ? 0.905   3.818   13.133  1.00 27.85 ? 75  SER A O   1 
ATOM   596 C CB  . SER A 1 77 ? 3.924   5.089   13.209  1.00 31.41 ? 75  SER A CB  1 
ATOM   597 O OG  . SER A 1 77 ? 4.061   6.110   12.260  1.00 37.58 ? 75  SER A OG  1 
ATOM   598 N N   . LEU A 1 78 ? 1.447   4.636   11.086  1.00 26.70 ? 76  LEU A N   1 
ATOM   599 C CA  . LEU A 1 78 ? 0.034   4.842   10.733  1.00 28.66 ? 76  LEU A CA  1 
ATOM   600 C C   . LEU A 1 78 ? -0.709  3.543   10.715  1.00 30.35 ? 76  LEU A C   1 
ATOM   601 O O   . LEU A 1 78 ? -1.829  3.470   11.197  1.00 29.52 ? 76  LEU A O   1 
ATOM   602 C CB  . LEU A 1 78 ? -0.101  5.544   9.397   1.00 32.89 ? 76  LEU A CB  1 
ATOM   603 C CG  . LEU A 1 78 ? 0.598   6.905   9.351   1.00 32.94 ? 76  LEU A CG  1 
ATOM   604 C CD1 . LEU A 1 78 ? 0.708   7.459   7.938   1.00 36.59 ? 76  LEU A CD1 1 
ATOM   605 C CD2 . LEU A 1 78 ? -0.128  7.885   10.241  1.00 35.34 ? 76  LEU A CD2 1 
ATOM   606 N N   . ILE A 1 79 ? -0.067  2.471   10.221  1.00 28.38 ? 77  ILE A N   1 
ATOM   607 C CA  . ILE A 1 79 ? -0.745  1.194   10.146  1.00 25.53 ? 77  ILE A CA  1 
ATOM   608 C C   . ILE A 1 79 ? -0.932  0.592   11.553  1.00 26.87 ? 77  ILE A C   1 
ATOM   609 O O   . ILE A 1 79 ? -1.974  0.007   11.870  1.00 27.60 ? 77  ILE A O   1 
ATOM   610 C CB  . ILE A 1 79 ? 0.049   0.198   9.255   1.00 23.40 ? 77  ILE A CB  1 
ATOM   611 C CG1 . ILE A 1 79 ? 0.131   0.709   7.836   1.00 23.36 ? 77  ILE A CG1 1 
ATOM   612 C CG2 . ILE A 1 79 ? -0.609  -1.171  9.300   1.00 23.01 ? 77  ILE A CG2 1 
ATOM   613 C CD1 . ILE A 1 79 ? 1.025   -0.134  6.930   1.00 23.16 ? 77  ILE A CD1 1 
ATOM   614 N N   . GLU A 1 80 ? 0.077   0.751   12.385  1.00 27.76 ? 78  GLU A N   1 
ATOM   615 C CA  . GLU A 1 80 ? -0.005  0.304   13.781  1.00 33.83 ? 78  GLU A CA  1 
ATOM   616 C C   . GLU A 1 80 ? -1.167  0.969   14.529  1.00 33.34 ? 78  GLU A C   1 
ATOM   617 O O   . GLU A 1 80 ? -1.901  0.295   15.204  1.00 36.13 ? 78  GLU A O   1 
ATOM   618 C CB  . GLU A 1 80 ? 1.296   0.604   14.537  1.00 33.13 ? 78  GLU A CB  1 
ATOM   619 C CG  . GLU A 1 80 ? 1.280   0.048   15.970  1.00 40.15 ? 78  GLU A CG  1 
ATOM   620 C CD  . GLU A 1 80 ? 1.133   -1.472  16.035  1.00 45.59 ? 78  GLU A CD  1 
ATOM   621 O OE1 . GLU A 1 80 ? 1.464   -2.194  15.053  1.00 40.93 ? 78  GLU A OE1 1 
ATOM   622 O OE2 . GLU A 1 80 ? 0.675   -1.953  17.080  1.00 49.35 ? 78  GLU A OE2 1 
ATOM   623 N N   . LYS A 1 81 ? -1.329  2.263   14.361  1.00 34.92 ? 79  LYS A N   1 
ATOM   624 C CA  . LYS A 1 81 ? -2.444  2.991   14.982  1.00 43.44 ? 79  LYS A CA  1 
ATOM   625 C C   . LYS A 1 81 ? -3.810  2.631   14.408  1.00 48.12 ? 79  LYS A C   1 
ATOM   626 O O   . LYS A 1 81 ? -4.801  2.772   15.098  1.00 58.44 ? 79  LYS A O   1 
ATOM   627 C CB  . LYS A 1 81 ? -2.215  4.511   14.879  1.00 44.28 ? 79  LYS A CB  1 
ATOM   628 N N   . ALA A 1 82 ? -3.877  2.175   13.160  1.00 42.17 ? 80  ALA A N   1 
ATOM   629 C CA  . ALA A 1 82 ? -5.159  1.806   12.552  1.00 47.04 ? 80  ALA A CA  1 
ATOM   630 C C   . ALA A 1 82 ? -5.783  0.625   13.315  1.00 51.54 ? 80  ALA A C   1 
ATOM   631 O O   . ALA A 1 82 ? -5.072  -0.224  13.891  1.00 51.05 ? 80  ALA A O   1 
ATOM   632 C CB  . ALA A 1 82 ? -4.965  1.419   11.090  1.00 43.07 ? 80  ALA A CB  1 
ATOM   633 N N   . SER A 1 83 ? -7.105  0.561   13.302  1.00 59.51 ? 81  SER A N   1 
ATOM   634 C CA  . SER A 1 83 ? -7.819  -0.521  13.980  1.00 65.12 ? 81  SER A CA  1 
ATOM   635 C C   . SER A 1 83 ? -8.987  -0.985  13.133  1.00 69.91 ? 81  SER A C   1 
ATOM   636 O O   . SER A 1 83 ? -8.794  -1.711  12.162  1.00 69.65 ? 81  SER A O   1 
ATOM   637 C CB  . SER A 1 83 ? -8.291  -0.048  15.361  1.00 69.40 ? 81  SER A CB  1 
ATOM   638 N N   . GLU B 2 9  ? 10.439  7.628   -3.383  1.00 73.46 ? 10  GLU B N   1 
ATOM   639 C CA  . GLU B 2 9  ? 10.175  6.636   -4.475  1.00 79.11 ? 10  GLU B CA  1 
ATOM   640 C C   . GLU B 2 9  ? 8.893   5.816   -4.183  1.00 77.57 ? 10  GLU B C   1 
ATOM   641 O O   . GLU B 2 9  ? 8.911   4.822   -3.446  1.00 77.68 ? 10  GLU B O   1 
ATOM   642 C CB  . GLU B 2 9  ? 11.397  5.717   -4.696  1.00 75.55 ? 10  GLU B CB  1 
ATOM   643 N N   . THR B 2 10 ? 7.786   6.285   -4.748  1.00 70.89 ? 11  THR B N   1 
ATOM   644 C CA  . THR B 2 10 ? 6.541   5.535   -4.793  1.00 62.17 ? 11  THR B CA  1 
ATOM   645 C C   . THR B 2 10 ? 6.287   5.136   -6.234  1.00 57.48 ? 11  THR B C   1 
ATOM   646 O O   . THR B 2 10 ? 6.759   5.786   -7.171  1.00 55.91 ? 11  THR B O   1 
ATOM   647 C CB  . THR B 2 10 ? 5.341   6.356   -4.278  1.00 58.20 ? 11  THR B CB  1 
ATOM   648 O OG1 . THR B 2 10 ? 5.195   7.576   -5.027  1.00 51.92 ? 11  THR B OG1 1 
ATOM   649 C CG2 . THR B 2 10 ? 5.478   6.666   -2.807  1.00 52.11 ? 11  THR B CG2 1 
ATOM   650 N N   . PHE B 2 11 ? 5.533   4.057   -6.418  1.00 54.81 ? 12  PHE B N   1 
ATOM   651 C CA  . PHE B 2 11 ? 5.196   3.564   -7.785  1.00 51.93 ? 12  PHE B CA  1 
ATOM   652 C C   . PHE B 2 11 ? 3.835   2.795   -7.834  1.00 50.70 ? 12  PHE B C   1 
ATOM   653 O O   . PHE B 2 11 ? 3.212   2.750   -6.738  1.00 32.98 ? 12  PHE B O   1 
ATOM   654 C CB  . PHE B 2 11 ? 6.346   2.725   -8.337  1.00 50.07 ? 12  PHE B CB  1 
ATOM   655 C CG  . PHE B 2 11 ? 6.701   1.594   -7.446  1.00 55.06 ? 12  PHE B CG  1 
ATOM   656 C CD1 . PHE B 2 11 ? 7.611   1.760   -6.406  1.00 50.73 ? 12  PHE B CD1 1 
ATOM   657 C CD2 . PHE B 2 11 ? 6.072   0.365   -7.611  1.00 50.79 ? 12  PHE B CD2 1 
ATOM   658 C CE1 . PHE B 2 11 ? 7.924   0.701   -5.579  1.00 51.92 ? 12  PHE B CE1 1 
ATOM   659 C CE2 . PHE B 2 11 ? 6.373   -0.694  -6.787  1.00 49.25 ? 12  PHE B CE2 1 
ATOM   660 C CZ  . PHE B 2 11 ? 7.294   -0.522  -5.758  1.00 55.01 ? 12  PHE B CZ  1 
ATOM   661 O OXT . PHE B 2 11 ? 3.348   2.288   -8.913  1.00 39.93 ? 12  PHE B OXT 1 
HETATM 662 O O   . HOH C 3 .  ? -9.639  -1.634  -2.995  1.00 49.15 ? 201 HOH A O   1 
HETATM 663 O O   . HOH C 3 .  ? 4.429   -12.032 7.383   1.00 37.94 ? 202 HOH A O   1 
HETATM 664 O O   . HOH C 3 .  ? 9.759   -10.447 -4.244  1.00 46.04 ? 203 HOH A O   1 
HETATM 665 O O   . HOH C 3 .  ? 6.775   -7.248  17.561  1.00 42.13 ? 204 HOH A O   1 
HETATM 666 O O   . HOH C 3 .  ? 7.281   -10.089 -10.762 1.00 45.64 ? 205 HOH A O   1 
HETATM 667 O O   . HOH C 3 .  ? -15.834 3.003   -5.815  1.00 58.33 ? 206 HOH A O   1 
HETATM 668 O O   . HOH C 3 .  ? -12.979 8.400   -6.284  1.00 30.26 ? 207 HOH A O   1 
HETATM 669 O O   . HOH C 3 .  ? 3.840   6.312   9.668   1.00 39.53 ? 208 HOH A O   1 
HETATM 670 O O   . HOH C 3 .  ? 11.070  -5.133  -2.542  1.00 26.46 ? 209 HOH A O   1 
HETATM 671 O O   . HOH C 3 .  ? 0.167   -12.501 -7.885  1.00 36.07 ? 210 HOH A O   1 
HETATM 672 O O   . HOH C 3 .  ? -3.894  5.127   11.506  1.00 47.65 ? 211 HOH A O   1 
HETATM 673 O O   . HOH C 3 .  ? -6.082  8.607   -14.255 1.00 20.91 ? 212 HOH A O   1 
HETATM 674 O O   . HOH C 3 .  ? -4.088  -10.360 6.662   1.00 52.44 ? 213 HOH A O   1 
HETATM 675 O O   . HOH C 3 .  ? -13.488 -1.580  -9.907  1.00 32.50 ? 214 HOH A O   1 
HETATM 676 O O   . HOH C 3 .  ? -4.366  -6.332  -9.571  1.00 39.51 ? 215 HOH A O   1 
HETATM 677 O O   . HOH C 3 .  ? -17.372 4.275   -8.841  1.00 38.75 ? 216 HOH A O   1 
HETATM 678 O O   . HOH C 3 .  ? -7.029  -3.879  -9.692  1.00 27.34 ? 217 HOH A O   1 
HETATM 679 O O   . HOH C 3 .  ? -9.697  1.165   9.177   1.00 39.13 ? 218 HOH A O   1 
HETATM 680 O O   . HOH C 3 .  ? -5.605  3.310   -17.395 1.00 36.99 ? 219 HOH A O   1 
HETATM 681 O O   . HOH C 3 .  ? 7.595   5.442   -0.927  1.00 36.14 ? 220 HOH A O   1 
HETATM 682 O O   . HOH C 3 .  ? 6.338   -7.829  -9.977  1.00 24.14 ? 221 HOH A O   1 
HETATM 683 O O   . HOH C 3 .  ? 5.177   -8.421  13.424  1.00 36.42 ? 222 HOH A O   1 
HETATM 684 O O   . HOH C 3 .  ? -11.614 -3.563  -9.183  1.00 47.07 ? 223 HOH A O   1 
HETATM 685 O O   . HOH C 3 .  ? -8.642  -2.589  -10.854 1.00 52.66 ? 224 HOH A O   1 
HETATM 686 O O   . HOH C 3 .  ? 0.687   9.239   -6.452  1.00 39.83 ? 225 HOH A O   1 
HETATM 687 O O   . HOH C 3 .  ? 0.419   0.025   19.007  1.00 57.45 ? 226 HOH A O   1 
HETATM 688 O O   . HOH C 3 .  ? 1.897   -4.571  -14.170 1.00 33.91 ? 227 HOH A O   1 
HETATM 689 O O   . HOH C 3 .  ? 13.469  0.372   -4.464  1.00 58.65 ? 228 HOH A O   1 
HETATM 690 O O   . HOH C 3 .  ? -2.068  -2.497  16.810  1.00 50.33 ? 229 HOH A O   1 
HETATM 691 O O   . HOH C 3 .  ? 10.946  -0.184  0.807   1.00 45.54 ? 230 HOH A O   1 
HETATM 692 O O   . HOH C 3 .  ? 7.517   -5.386  13.175  1.00 39.57 ? 231 HOH A O   1 
HETATM 693 O O   . HOH C 3 .  ? 8.573   -2.871  12.324  1.00 29.90 ? 232 HOH A O   1 
HETATM 694 O O   . HOH C 3 .  ? -9.998  -6.332  -1.489  1.00 44.09 ? 233 HOH A O   1 
HETATM 695 O O   . HOH C 3 .  ? 6.171   4.986   10.263  1.00 32.15 ? 234 HOH A O   1 
HETATM 696 O O   . HOH C 3 .  ? 11.685  -1.664  4.046   1.00 38.92 ? 235 HOH A O   1 
HETATM 697 O O   . HOH C 3 .  ? -4.123  7.009   9.909   1.00 45.95 ? 236 HOH A O   1 
HETATM 698 O O   . HOH C 3 .  ? -10.206 10.075  -9.312  1.00 23.86 ? 237 HOH A O   1 
HETATM 699 O O   . HOH C 3 .  ? -0.565  -12.027 -11.196 1.00 33.46 ? 238 HOH A O   1 
HETATM 700 O O   . HOH C 3 .  ? -6.706  -6.943  -3.009  1.00 24.17 ? 239 HOH A O   1 
HETATM 701 O O   . HOH C 3 .  ? -0.476  -3.059  13.049  1.00 47.58 ? 240 HOH A O   1 
HETATM 702 O O   . HOH C 3 .  ? 0.185   6.206   -13.361 1.00 44.99 ? 241 HOH A O   1 
HETATM 703 O O   . HOH C 3 .  ? 6.838   -11.363 8.376   1.00 46.67 ? 242 HOH A O   1 
HETATM 704 O O   . HOH C 3 .  ? 3.623   -14.365 -5.233  1.00 49.22 ? 243 HOH A O   1 
HETATM 705 O O   . HOH C 3 .  ? -0.642  -0.145  -13.560 1.00 46.46 ? 244 HOH A O   1 
HETATM 706 O O   . HOH C 3 .  ? -0.493  10.517  -9.715  1.00 57.09 ? 245 HOH A O   1 
HETATM 707 O O   . HOH C 3 .  ? 13.446  -7.245  -2.454  1.00 53.67 ? 246 HOH A O   1 
HETATM 708 O O   . HOH C 3 .  ? 7.180   -7.109  15.392  1.00 44.05 ? 247 HOH A O   1 
HETATM 709 O O   . HOH C 3 .  ? 9.132   4.243   -9.725  1.00 62.01 ? 248 HOH A O   1 
HETATM 710 O O   . HOH C 3 .  ? -8.997  -0.838  -11.927 1.00 39.95 ? 249 HOH A O   1 
HETATM 711 O O   . HOH C 3 .  ? -4.729  -2.610  16.876  1.00 58.95 ? 250 HOH A O   1 
HETATM 712 O O   . HOH C 3 .  ? -14.770 4.142   -4.017  1.00 68.00 ? 251 HOH A O   1 
HETATM 713 O O   . HOH C 3 .  ? 10.276  -2.158  6.714   1.00 47.42 ? 252 HOH A O   1 
HETATM 714 O O   . HOH C 3 .  ? 9.552   -2.803  10.228  1.00 58.40 ? 253 HOH A O   1 
HETATM 715 O O   . HOH C 3 .  ? -7.979  -6.301  1.018   1.00 30.47 ? 254 HOH A O   1 
HETATM 716 O O   . HOH D 3 .  ? 2.629   9.746   -4.615  1.00 48.90 ? 101 HOH B O   1 
# 
